data_3GOD
#
_entry.id   3GOD
#
_cell.length_a   109.870
_cell.length_b   110.960
_cell.length_c   130.250
_cell.angle_alpha   90.00
_cell.angle_beta   90.00
_cell.angle_gamma   90.00
#
_symmetry.space_group_name_H-M   'P 21 21 21'
#
loop_
_entity.id
_entity.type
_entity.pdbx_description
1 polymer Cas1
2 non-polymer 'MANGANESE (II) ION'
3 non-polymer 'SODIUM ION'
4 non-polymer 'CALCIUM ION'
5 water water
#
_entity_poly.entity_id   1
_entity_poly.type   'polypeptide(L)'
_entity_poly.pdbx_seq_one_letter_code
;GSFTMDDISPSELKTILHSKRANLYYLQHCRVLVNGGRVEYVTDEGRHSHYWNIPIANTTSLLLGTGTSITQAA(MSE)R
ELARAGVLVGFCGGGGTPLFSANEVDVEVSWLTPQSEYRPTEYLQRWVGFWFDEEKRLVAARHFQRARLERIRHSWLEDR
VLRDAGFAVDATALAVAVEDSARALEQAPNHEHLLTEEARLSKRLFKLAAQATRYGEFVRAKRGSGGDPANRFLDHGNYL
AYGLAATATWVLGIPHGLAVLHGKTRRGGLVFDVADLIKDSLILPQAFLSA(MSE)RGDEEQDFRQACLDNLSRAQALDF
(MSE)IDTLKDVAQRSTVSA
;
_entity_poly.pdbx_strand_id   A,B,C,D
#
loop_
_chem_comp.id
_chem_comp.type
_chem_comp.name
_chem_comp.formula
CA non-polymer 'CALCIUM ION' 'Ca 2'
MN non-polymer 'MANGANESE (II) ION' 'Mn 2'
NA non-polymer 'SODIUM ION' 'Na 1'
#
# COMPACT_ATOMS: atom_id res chain seq x y z
N ASP A 7 8.57 -10.20 16.44
CA ASP A 7 7.38 -10.09 17.28
C ASP A 7 6.18 -9.77 16.41
N ILE A 8 5.57 -8.62 16.64
CA ILE A 8 4.41 -8.12 15.88
C ILE A 8 4.36 -8.52 14.41
N SER A 9 3.34 -9.26 14.05
CA SER A 9 3.12 -9.77 12.68
C SER A 9 2.89 -8.63 11.66
N PRO A 10 3.17 -8.87 10.36
CA PRO A 10 2.94 -7.80 9.36
C PRO A 10 1.43 -7.52 9.21
N SER A 11 0.65 -8.57 9.45
CA SER A 11 -0.79 -8.43 9.41
C SER A 11 -1.35 -7.57 10.52
N GLU A 12 -0.84 -7.73 11.72
N GLU A 12 -0.88 -7.72 11.73
CA GLU A 12 -1.28 -6.91 12.82
CA GLU A 12 -1.41 -6.86 12.76
C GLU A 12 -0.79 -5.50 12.68
C GLU A 12 -0.80 -5.47 12.68
N LEU A 13 0.35 -5.33 12.08
CA LEU A 13 0.86 -4.00 11.82
C LEU A 13 -0.08 -3.30 10.81
N LYS A 14 -0.47 -4.04 9.79
CA LYS A 14 -1.47 -3.54 8.85
C LYS A 14 -2.82 -3.14 9.50
N THR A 15 -3.30 -3.91 10.47
CA THR A 15 -4.49 -3.53 11.27
C THR A 15 -4.32 -2.25 12.06
N ILE A 16 -3.12 -2.05 12.59
CA ILE A 16 -2.85 -0.85 13.35
C ILE A 16 -2.83 0.30 12.37
N LEU A 17 -2.26 0.05 11.20
CA LEU A 17 -2.22 1.06 10.18
C LEU A 17 -3.67 1.34 9.74
N HIS A 18 -4.48 0.31 9.52
CA HIS A 18 -5.86 0.55 9.06
C HIS A 18 -6.64 1.35 10.13
N SER A 19 -6.37 1.06 11.41
CA SER A 19 -7.02 1.78 12.50
C SER A 19 -6.69 3.25 12.55
N LYS A 20 -5.67 3.70 11.84
CA LYS A 20 -5.35 5.12 11.91
C LYS A 20 -5.91 5.93 10.74
N ARG A 21 -6.52 5.24 9.79
CA ARG A 21 -7.14 5.99 8.69
C ARG A 21 -8.13 7.03 9.25
N ALA A 22 -8.05 8.26 8.74
CA ALA A 22 -8.82 9.37 9.33
C ALA A 22 -10.05 9.82 8.55
N ASN A 23 -10.15 9.40 7.29
CA ASN A 23 -11.21 9.91 6.43
CA ASN A 23 -11.21 9.92 6.42
C ASN A 23 -12.45 9.04 6.41
N LEU A 24 -13.60 9.67 6.31
CA LEU A 24 -14.83 8.93 6.24
C LEU A 24 -15.75 9.90 5.47
N TYR A 25 -16.27 9.48 4.32
CA TYR A 25 -17.03 10.42 3.50
C TYR A 25 -18.51 10.17 3.58
N TYR A 26 -19.30 11.23 3.60
CA TYR A 26 -20.74 11.07 3.51
C TYR A 26 -21.15 11.81 2.25
N LEU A 27 -21.65 11.11 1.24
CA LEU A 27 -21.76 11.71 -0.08
C LEU A 27 -23.20 11.75 -0.50
N GLN A 28 -23.58 12.85 -1.17
CA GLN A 28 -24.91 13.02 -1.71
C GLN A 28 -24.81 13.66 -3.10
N HIS A 29 -25.78 13.42 -3.98
CA HIS A 29 -25.78 14.08 -5.30
C HIS A 29 -24.44 14.10 -6.02
N CYS A 30 -23.83 12.93 -6.16
CA CYS A 30 -22.58 12.83 -6.89
C CYS A 30 -22.40 11.42 -7.46
N ARG A 31 -21.43 11.25 -8.36
CA ARG A 31 -21.03 9.94 -8.88
C ARG A 31 -19.63 9.58 -8.34
N VAL A 32 -19.50 8.36 -7.84
CA VAL A 32 -18.23 7.87 -7.41
C VAL A 32 -17.75 6.96 -8.53
N LEU A 33 -16.52 7.18 -8.94
CA LEU A 33 -16.01 6.56 -10.18
C LEU A 33 -14.49 6.62 -10.17
N VAL A 34 -13.90 6.08 -11.23
CA VAL A 34 -12.45 6.05 -11.40
C VAL A 34 -12.10 6.96 -12.57
N ASN A 35 -11.13 7.81 -12.32
CA ASN A 35 -10.71 8.93 -13.15
C ASN A 35 -9.17 8.91 -13.11
N GLY A 36 -8.54 8.51 -14.20
CA GLY A 36 -7.09 8.46 -14.27
C GLY A 36 -6.50 7.54 -13.23
N GLY A 37 -7.15 6.41 -12.94
CA GLY A 37 -6.64 5.53 -11.94
C GLY A 37 -6.97 5.90 -10.50
N ARG A 38 -7.49 7.12 -10.24
CA ARG A 38 -7.91 7.53 -8.89
C ARG A 38 -9.40 7.35 -8.67
N VAL A 39 -9.80 7.05 -7.45
CA VAL A 39 -11.22 7.01 -7.10
C VAL A 39 -11.60 8.45 -6.71
N GLU A 40 -12.67 8.96 -7.29
CA GLU A 40 -13.07 10.34 -7.07
C GLU A 40 -14.57 10.39 -7.05
N TYR A 41 -15.12 11.49 -6.54
CA TYR A 41 -16.54 11.72 -6.63
C TYR A 41 -16.75 13.05 -7.36
N VAL A 42 -17.81 13.09 -8.15
CA VAL A 42 -18.05 14.14 -9.12
C VAL A 42 -19.43 14.71 -8.92
N THR A 43 -19.49 16.00 -8.65
CA THR A 43 -20.75 16.73 -8.57
C THR A 43 -20.86 17.58 -9.81
N ASP A 44 -22.07 17.83 -10.26
CA ASP A 44 -22.26 18.71 -11.42
C ASP A 44 -22.67 20.10 -10.98
N GLU A 45 -21.89 21.08 -11.45
CA GLU A 45 -22.00 22.48 -11.03
C GLU A 45 -22.29 23.37 -12.25
N GLY A 46 -23.35 23.03 -12.99
CA GLY A 46 -23.74 23.82 -14.14
C GLY A 46 -22.71 23.72 -15.26
N ARG A 47 -21.82 24.69 -15.38
CA ARG A 47 -20.83 24.64 -16.45
C ARG A 47 -19.70 23.67 -16.08
N HIS A 48 -19.15 23.84 -14.89
CA HIS A 48 -18.08 22.91 -14.54
C HIS A 48 -18.50 21.81 -13.58
N SER A 49 -18.20 20.57 -13.96
CA SER A 49 -18.19 19.49 -13.00
C SER A 49 -17.05 19.69 -12.01
N HIS A 50 -17.32 19.43 -10.73
CA HIS A 50 -16.27 19.35 -9.72
C HIS A 50 -15.90 17.88 -9.46
N TYR A 51 -14.60 17.64 -9.28
CA TYR A 51 -14.03 16.32 -9.08
C TYR A 51 -13.25 16.29 -7.75
N TRP A 52 -13.61 15.36 -6.88
CA TRP A 52 -13.02 15.38 -5.54
C TRP A 52 -12.32 14.08 -5.30
N ASN A 53 -11.07 14.18 -4.94
CA ASN A 53 -10.28 12.99 -4.73
C ASN A 53 -10.69 12.24 -3.46
N ILE A 54 -10.73 10.90 -3.54
CA ILE A 54 -10.84 10.05 -2.38
C ILE A 54 -9.51 9.31 -2.08
N PRO A 55 -8.76 9.74 -1.03
CA PRO A 55 -7.46 9.13 -0.75
C PRO A 55 -7.74 7.76 -0.17
N ILE A 56 -7.83 6.74 -1.01
CA ILE A 56 -8.38 5.47 -0.51
C ILE A 56 -7.55 4.80 0.62
N ALA A 57 -6.25 5.07 0.71
CA ALA A 57 -5.42 4.44 1.71
C ALA A 57 -5.61 5.08 3.06
N ASN A 58 -6.26 6.25 3.09
CA ASN A 58 -6.46 7.00 4.31
C ASN A 58 -7.95 7.05 4.71
N THR A 59 -8.77 6.21 4.06
CA THR A 59 -10.22 6.21 4.22
C THR A 59 -10.79 4.94 4.86
N THR A 60 -11.72 5.05 5.82
CA THR A 60 -12.38 3.86 6.34
C THR A 60 -13.63 3.42 5.58
N SER A 61 -14.52 4.34 5.34
CA SER A 61 -15.71 4.04 4.55
C SER A 61 -16.25 5.21 3.71
N LEU A 62 -17.04 4.87 2.70
CA LEU A 62 -17.89 5.83 2.05
C LEU A 62 -19.36 5.55 2.44
N LEU A 63 -20.09 6.59 2.81
CA LEU A 63 -21.53 6.50 2.93
C LEU A 63 -22.17 7.23 1.77
N LEU A 64 -23.00 6.53 1.01
CA LEU A 64 -23.61 7.12 -0.20
C LEU A 64 -25.10 7.31 0.02
N GLY A 65 -25.58 8.55 0.00
CA GLY A 65 -26.96 8.86 0.34
C GLY A 65 -27.76 9.20 -0.90
N THR A 66 -28.70 10.12 -0.75
CA THR A 66 -29.52 10.58 -1.85
C THR A 66 -28.73 11.00 -3.09
N GLY A 67 -29.16 10.51 -4.26
CA GLY A 67 -28.66 11.00 -5.52
C GLY A 67 -27.23 10.59 -5.83
N THR A 68 -26.78 9.46 -5.28
CA THR A 68 -25.47 8.89 -5.59
C THR A 68 -25.53 7.72 -6.53
N SER A 69 -24.40 7.46 -7.14
CA SER A 69 -24.17 6.19 -7.80
C SER A 69 -22.71 5.85 -7.66
N ILE A 70 -22.34 4.63 -7.98
CA ILE A 70 -20.95 4.25 -7.90
C ILE A 70 -20.75 3.20 -8.96
N THR A 71 -19.54 3.11 -9.47
CA THR A 71 -19.20 2.17 -10.51
C THR A 71 -18.43 0.95 -9.96
N GLN A 72 -18.53 -0.17 -10.70
CA GLN A 72 -17.76 -1.39 -10.38
C GLN A 72 -16.26 -1.13 -10.27
N ALA A 73 -15.75 -0.31 -11.19
CA ALA A 73 -14.32 0.04 -11.21
C ALA A 73 -13.93 0.73 -9.92
N ALA A 74 -14.77 1.63 -9.44
CA ALA A 74 -14.54 2.26 -8.13
C ALA A 74 -14.61 1.22 -7.00
N MSE A 75 -15.59 0.30 -7.07
CA MSE A 75 -15.77 -0.76 -6.05
C MSE A 75 -14.52 -1.63 -5.97
O MSE A 75 -14.05 -1.96 -4.90
CB MSE A 75 -17.01 -1.61 -6.31
CG MSE A 75 -18.32 -0.90 -6.08
SE MSE A 75 -18.45 -0.11 -4.20
CE MSE A 75 -17.82 -1.70 -3.18
N ARG A 76 -13.94 -1.92 -7.12
CA ARG A 76 -12.73 -2.70 -7.19
C ARG A 76 -11.57 -2.01 -6.47
N GLU A 77 -11.33 -0.74 -6.76
CA GLU A 77 -10.27 0.01 -6.10
C GLU A 77 -10.50 0.17 -4.59
N LEU A 78 -11.74 0.51 -4.20
CA LEU A 78 -12.11 0.63 -2.81
C LEU A 78 -11.93 -0.68 -2.05
N ALA A 79 -12.49 -1.75 -2.61
CA ALA A 79 -12.45 -3.06 -1.96
C ALA A 79 -11.00 -3.50 -1.76
N ARG A 80 -10.16 -3.28 -2.76
CA ARG A 80 -8.75 -3.64 -2.71
CA ARG A 80 -8.77 -3.70 -2.66
C ARG A 80 -8.07 -2.91 -1.56
N ALA A 81 -8.52 -1.71 -1.29
CA ALA A 81 -7.91 -0.90 -0.22
C ALA A 81 -8.63 -1.15 1.13
N GLY A 82 -9.55 -2.12 1.17
CA GLY A 82 -10.23 -2.38 2.41
C GLY A 82 -11.19 -1.29 2.85
N VAL A 83 -11.75 -0.55 1.88
CA VAL A 83 -12.67 0.55 2.21
C VAL A 83 -14.10 0.00 2.13
N LEU A 84 -14.86 0.16 3.20
CA LEU A 84 -16.28 -0.19 3.18
C LEU A 84 -17.12 0.82 2.42
N VAL A 85 -18.22 0.37 1.86
CA VAL A 85 -19.13 1.27 1.16
C VAL A 85 -20.51 0.97 1.67
N GLY A 86 -21.18 1.95 2.24
CA GLY A 86 -22.55 1.79 2.72
C GLY A 86 -23.57 2.67 1.98
N PHE A 87 -24.74 2.13 1.74
CA PHE A 87 -25.79 2.97 1.13
C PHE A 87 -26.74 3.33 2.25
N CYS A 88 -26.95 4.64 2.49
CA CYS A 88 -27.81 5.14 3.54
C CYS A 88 -28.96 5.93 2.94
N GLY A 89 -29.93 6.28 3.76
CA GLY A 89 -31.11 6.96 3.26
C GLY A 89 -30.91 8.45 3.30
N GLY A 90 -31.97 9.19 3.00
CA GLY A 90 -31.88 10.65 3.11
C GLY A 90 -32.19 11.21 4.48
N GLY A 91 -31.53 12.32 4.78
CA GLY A 91 -31.85 13.19 5.92
C GLY A 91 -31.85 12.49 7.28
N GLY A 92 -30.92 11.55 7.47
CA GLY A 92 -30.81 10.77 8.70
C GLY A 92 -31.86 9.69 8.88
N THR A 93 -32.73 9.49 7.90
CA THR A 93 -33.80 8.53 8.05
C THR A 93 -33.29 7.19 7.48
N PRO A 94 -33.99 6.08 7.76
CA PRO A 94 -33.54 4.75 7.34
C PRO A 94 -33.44 4.55 5.82
N LEU A 95 -32.53 3.71 5.34
CA LEU A 95 -32.52 3.33 3.91
C LEU A 95 -33.91 2.76 3.64
N PHE A 96 -34.32 1.84 4.48
CA PHE A 96 -35.66 1.29 4.41
C PHE A 96 -36.06 0.61 5.72
N SER A 97 -37.34 0.22 5.78
CA SER A 97 -37.91 -0.43 6.97
C SER A 97 -38.72 -1.58 6.50
N ALA A 98 -38.44 -2.77 7.01
CA ALA A 98 -39.21 -3.96 6.66
C ALA A 98 -39.72 -4.53 7.96
N ASN A 99 -41.04 -4.40 8.14
CA ASN A 99 -41.75 -4.50 9.42
C ASN A 99 -41.23 -3.58 10.53
N GLU A 100 -40.87 -4.18 11.64
CA GLU A 100 -40.46 -3.40 12.78
C GLU A 100 -38.98 -3.08 12.70
N VAL A 101 -38.31 -3.53 11.64
CA VAL A 101 -36.87 -3.30 11.56
C VAL A 101 -36.41 -2.23 10.55
N ASP A 102 -35.70 -1.23 11.07
CA ASP A 102 -35.12 -0.16 10.25
C ASP A 102 -33.67 -0.51 9.88
N VAL A 103 -33.35 -0.30 8.60
CA VAL A 103 -31.99 -0.46 8.12
C VAL A 103 -31.47 0.93 7.77
N GLU A 104 -30.49 1.40 8.54
CA GLU A 104 -29.90 2.72 8.35
C GLU A 104 -28.92 2.66 7.18
N VAL A 105 -28.15 1.58 7.08
CA VAL A 105 -27.08 1.51 6.10
C VAL A 105 -26.98 0.11 5.58
N SER A 106 -27.08 -0.04 4.26
CA SER A 106 -26.68 -1.29 3.60
C SER A 106 -25.19 -1.31 3.27
N TRP A 107 -24.44 -2.22 3.90
CA TRP A 107 -22.98 -2.25 3.74
C TRP A 107 -22.45 -3.20 2.68
N LEU A 108 -21.55 -2.70 1.86
CA LEU A 108 -20.78 -3.60 1.04
C LEU A 108 -19.41 -3.73 1.70
N THR A 109 -19.04 -4.97 2.03
CA THR A 109 -17.73 -5.29 2.62
C THR A 109 -16.84 -6.06 1.69
N PRO A 110 -15.55 -5.72 1.70
CA PRO A 110 -14.59 -6.36 0.79
C PRO A 110 -14.58 -7.89 1.02
N GLN A 111 -14.56 -8.65 -0.08
CA GLN A 111 -14.57 -10.12 0.02
C GLN A 111 -13.28 -10.83 -0.43
N SER A 112 -12.32 -10.11 -1.00
CA SER A 112 -11.11 -10.77 -1.50
C SER A 112 -9.86 -10.35 -0.75
N GLU A 113 -10.04 -9.60 0.33
CA GLU A 113 -8.91 -9.22 1.15
C GLU A 113 -8.99 -10.11 2.40
N TYR A 114 -8.44 -11.34 2.33
CA TYR A 114 -8.74 -12.34 3.36
C TYR A 114 -8.45 -11.91 4.78
N ARG A 115 -9.45 -12.08 5.63
CA ARG A 115 -9.37 -11.70 7.03
C ARG A 115 -8.65 -12.77 7.88
N PRO A 116 -8.08 -12.35 9.02
CA PRO A 116 -7.61 -13.27 10.05
C PRO A 116 -8.76 -14.18 10.43
N THR A 117 -8.44 -15.32 10.97
CA THR A 117 -9.44 -16.30 11.33
C THR A 117 -9.63 -16.38 12.84
N GLU A 118 -8.66 -15.90 13.62
CA GLU A 118 -8.75 -16.18 15.05
C GLU A 118 -9.97 -15.55 15.76
N TYR A 119 -10.27 -14.27 15.48
CA TYR A 119 -11.37 -13.56 16.17
C TYR A 119 -12.71 -14.18 15.82
N LEU A 120 -12.90 -14.45 14.52
CA LEU A 120 -14.10 -15.12 14.04
C LEU A 120 -14.30 -16.45 14.77
N GLN A 121 -13.23 -17.24 14.87
CA GLN A 121 -13.29 -18.54 15.56
C GLN A 121 -13.68 -18.38 17.06
N ARG A 122 -13.05 -17.46 17.79
CA ARG A 122 -13.54 -17.14 19.11
C ARG A 122 -15.02 -16.75 19.08
N TRP A 123 -15.35 -15.84 18.19
CA TRP A 123 -16.71 -15.35 18.14
C TRP A 123 -17.76 -16.46 17.96
N VAL A 124 -17.69 -17.23 16.87
CA VAL A 124 -18.66 -18.30 16.63
C VAL A 124 -18.57 -19.37 17.79
N GLY A 125 -17.41 -19.45 18.42
CA GLY A 125 -17.26 -20.27 19.59
C GLY A 125 -18.17 -19.95 20.77
N PHE A 126 -18.52 -18.66 20.99
CA PHE A 126 -19.41 -18.31 22.11
C PHE A 126 -20.81 -17.89 21.70
N TRP A 127 -20.91 -17.40 20.46
CA TRP A 127 -22.09 -16.66 19.98
C TRP A 127 -23.45 -17.34 20.09
N PHE A 128 -23.49 -18.67 19.92
CA PHE A 128 -24.77 -19.38 19.93
C PHE A 128 -25.31 -19.68 21.31
N ASP A 129 -24.49 -19.40 22.33
CA ASP A 129 -24.90 -19.48 23.75
C ASP A 129 -25.38 -18.10 24.30
N GLU A 130 -26.68 -17.99 24.55
CA GLU A 130 -27.26 -16.73 25.03
C GLU A 130 -26.55 -16.12 26.23
N GLU A 131 -26.14 -16.98 27.16
CA GLU A 131 -25.56 -16.47 28.39
C GLU A 131 -24.17 -15.93 28.13
N LYS A 132 -23.50 -16.54 27.18
CA LYS A 132 -22.22 -16.00 26.79
C LYS A 132 -22.41 -14.66 25.98
N ARG A 133 -23.49 -14.53 25.22
CA ARG A 133 -23.74 -13.31 24.49
C ARG A 133 -23.99 -12.20 25.53
N LEU A 134 -24.58 -12.59 26.64
CA LEU A 134 -24.92 -11.65 27.69
C LEU A 134 -23.64 -11.11 28.31
N VAL A 135 -22.72 -12.01 28.59
CA VAL A 135 -21.44 -11.64 29.18
C VAL A 135 -20.73 -10.70 28.21
N ALA A 136 -20.87 -10.98 26.91
CA ALA A 136 -20.29 -10.09 25.90
C ALA A 136 -20.97 -8.71 25.88
N ALA A 137 -22.29 -8.69 26.01
CA ALA A 137 -23.03 -7.43 26.00
C ALA A 137 -22.65 -6.55 27.16
N ARG A 138 -22.54 -7.16 28.36
CA ARG A 138 -22.14 -6.46 29.59
C ARG A 138 -20.78 -5.86 29.38
N HIS A 139 -19.86 -6.67 28.84
CA HIS A 139 -18.52 -6.19 28.58
C HIS A 139 -18.58 -4.93 27.68
N PHE A 140 -19.35 -4.95 26.57
CA PHE A 140 -19.43 -3.77 25.73
C PHE A 140 -19.96 -2.60 26.56
N GLN A 141 -20.96 -2.83 27.39
CA GLN A 141 -21.59 -1.76 28.14
C GLN A 141 -20.62 -1.10 29.14
N ARG A 142 -19.78 -1.90 29.78
CA ARG A 142 -18.76 -1.32 30.66
C ARG A 142 -17.74 -0.53 29.90
N ALA A 143 -17.33 -1.02 28.73
CA ALA A 143 -16.37 -0.27 27.95
C ALA A 143 -16.97 1.09 27.57
N ARG A 144 -18.28 1.12 27.25
CA ARG A 144 -19.03 2.34 26.91
CA ARG A 144 -19.02 2.33 26.91
C ARG A 144 -19.03 3.38 28.05
N LEU A 145 -19.43 2.96 29.26
CA LEU A 145 -19.36 3.78 30.49
C LEU A 145 -17.99 4.36 30.70
N GLU A 146 -16.96 3.55 30.48
CA GLU A 146 -15.61 4.08 30.58
C GLU A 146 -15.25 5.16 29.55
N ARG A 147 -15.69 5.03 28.30
CA ARG A 147 -15.49 6.10 27.32
C ARG A 147 -16.29 7.38 27.71
N ILE A 148 -17.53 7.21 28.17
CA ILE A 148 -18.35 8.33 28.61
C ILE A 148 -17.60 9.08 29.74
N ARG A 149 -17.13 8.37 30.78
CA ARG A 149 -16.38 9.00 31.88
C ARG A 149 -15.16 9.75 31.39
N HIS A 150 -14.31 9.06 30.63
CA HIS A 150 -13.08 9.68 30.19
C HIS A 150 -13.31 10.96 29.39
N SER A 151 -14.24 10.87 28.47
CA SER A 151 -14.57 11.95 27.57
C SER A 151 -15.33 13.15 28.23
N TRP A 152 -16.33 12.89 29.05
CA TRP A 152 -17.15 13.98 29.65
C TRP A 152 -16.47 14.61 30.90
N LEU A 153 -15.58 13.85 31.54
CA LEU A 153 -14.97 14.30 32.80
C LEU A 153 -13.51 14.64 32.66
N GLU A 154 -12.82 13.99 31.73
CA GLU A 154 -11.37 14.18 31.60
C GLU A 154 -10.90 14.70 30.24
N ASP A 155 -11.79 14.82 29.26
CA ASP A 155 -11.31 15.37 28.00
C ASP A 155 -11.33 16.91 28.13
N ARG A 156 -10.17 17.47 28.39
CA ARG A 156 -10.04 18.93 28.42
C ARG A 156 -10.43 19.62 27.08
N VAL A 157 -10.20 18.94 25.94
CA VAL A 157 -10.51 19.55 24.63
C VAL A 157 -12.02 19.83 24.52
N LEU A 158 -12.83 18.93 25.02
CA LEU A 158 -14.29 19.10 24.97
C LEU A 158 -14.73 20.24 25.90
N ARG A 159 -14.11 20.27 27.08
CA ARG A 159 -14.31 21.32 28.09
C ARG A 159 -13.97 22.66 27.46
N ASP A 160 -12.80 22.77 26.83
CA ASP A 160 -12.44 24.06 26.24
C ASP A 160 -13.29 24.45 25.05
N ALA A 161 -13.99 23.50 24.43
CA ALA A 161 -14.89 23.86 23.31
C ALA A 161 -16.29 24.36 23.76
N GLY A 162 -16.53 24.32 25.07
CA GLY A 162 -17.71 24.91 25.65
C GLY A 162 -18.73 23.88 26.10
N PHE A 163 -18.28 22.66 26.26
CA PHE A 163 -19.12 21.61 26.83
C PHE A 163 -19.05 21.70 28.37
N ALA A 164 -19.75 22.69 28.90
CA ALA A 164 -19.79 23.02 30.32
C ALA A 164 -20.77 22.10 31.08
N VAL A 165 -20.45 20.81 31.10
CA VAL A 165 -21.36 19.82 31.65
C VAL A 165 -21.30 19.84 33.17
N ASP A 166 -22.39 19.41 33.78
CA ASP A 166 -22.40 19.27 35.23
C ASP A 166 -21.65 17.99 35.55
N ALA A 167 -20.42 18.14 35.99
CA ALA A 167 -19.51 17.02 36.16
C ALA A 167 -20.00 16.01 37.19
N THR A 168 -20.52 16.53 38.31
CA THR A 168 -20.98 15.65 39.36
C THR A 168 -22.25 14.92 38.91
N ALA A 169 -23.19 15.66 38.32
CA ALA A 169 -24.39 15.06 37.74
C ALA A 169 -24.01 13.91 36.76
N LEU A 170 -23.02 14.17 35.90
CA LEU A 170 -22.58 13.13 34.96
C LEU A 170 -22.01 11.92 35.72
N ALA A 171 -21.05 12.15 36.61
CA ALA A 171 -20.46 11.06 37.43
C ALA A 171 -21.52 10.29 38.20
N VAL A 172 -22.51 10.98 38.74
CA VAL A 172 -23.57 10.26 39.44
C VAL A 172 -24.37 9.35 38.49
N ALA A 173 -24.74 9.86 37.30
CA ALA A 173 -25.48 9.03 36.33
C ALA A 173 -24.66 7.83 35.86
N VAL A 174 -23.37 7.99 35.69
CA VAL A 174 -22.60 6.84 35.22
C VAL A 174 -22.46 5.79 36.36
N GLU A 175 -22.33 6.25 37.59
CA GLU A 175 -22.34 5.29 38.73
C GLU A 175 -23.65 4.54 38.83
N ASP A 176 -24.75 5.27 38.70
CA ASP A 176 -26.05 4.59 38.79
C ASP A 176 -26.12 3.54 37.70
N SER A 177 -25.60 3.92 36.53
CA SER A 177 -25.67 3.06 35.37
C SER A 177 -24.84 1.81 35.58
N ALA A 178 -23.60 1.97 36.04
CA ALA A 178 -22.74 0.82 36.26
C ALA A 178 -23.48 -0.14 37.22
N ARG A 179 -23.95 0.39 38.36
CA ARG A 179 -24.75 -0.41 39.31
C ARG A 179 -25.84 -1.19 38.59
N ALA A 180 -26.74 -0.49 37.92
CA ALA A 180 -27.86 -1.12 37.21
C ALA A 180 -27.44 -2.13 36.12
N LEU A 181 -26.36 -1.79 35.39
CA LEU A 181 -25.68 -2.72 34.45
C LEU A 181 -25.32 -4.08 35.05
N GLU A 182 -24.59 -4.09 36.17
CA GLU A 182 -24.12 -5.33 36.82
C GLU A 182 -25.24 -6.25 37.30
N GLN A 183 -26.39 -5.65 37.60
CA GLN A 183 -27.54 -6.40 38.08
C GLN A 183 -28.53 -6.76 36.98
N ALA A 184 -28.29 -6.32 35.76
CA ALA A 184 -29.18 -6.70 34.67
C ALA A 184 -29.25 -8.22 34.55
N PRO A 185 -30.45 -8.79 34.70
CA PRO A 185 -30.60 -10.25 34.63
C PRO A 185 -30.63 -10.77 33.17
N ASN A 186 -31.21 -9.95 32.27
CA ASN A 186 -31.48 -10.28 30.86
C ASN A 186 -30.78 -9.28 29.94
N HIS A 187 -30.83 -9.58 28.65
CA HIS A 187 -30.55 -8.58 27.62
C HIS A 187 -31.63 -7.49 27.66
N GLU A 188 -32.86 -7.87 27.99
CA GLU A 188 -33.97 -6.94 28.11
C GLU A 188 -33.64 -5.85 29.12
N HIS A 189 -33.18 -6.26 30.29
CA HIS A 189 -32.75 -5.30 31.28
C HIS A 189 -31.59 -4.40 30.82
N LEU A 190 -30.57 -4.96 30.15
CA LEU A 190 -29.48 -4.13 29.66
C LEU A 190 -29.97 -3.04 28.71
N LEU A 191 -30.82 -3.43 27.78
CA LEU A 191 -31.37 -2.52 26.80
C LEU A 191 -32.13 -1.40 27.47
N THR A 192 -32.88 -1.73 28.52
CA THR A 192 -33.63 -0.74 29.26
C THR A 192 -32.71 0.25 29.96
N GLU A 193 -31.69 -0.27 30.63
CA GLU A 193 -30.73 0.61 31.27
C GLU A 193 -29.94 1.48 30.26
N GLU A 194 -29.58 0.91 29.11
CA GLU A 194 -28.87 1.67 28.10
C GLU A 194 -29.62 2.94 27.65
N ALA A 195 -30.86 2.74 27.25
CA ALA A 195 -31.71 3.84 26.86
C ALA A 195 -31.97 4.79 28.01
N ARG A 196 -32.09 4.30 29.23
CA ARG A 196 -32.26 5.26 30.36
C ARG A 196 -31.03 6.15 30.54
N LEU A 197 -29.83 5.60 30.38
CA LEU A 197 -28.65 6.42 30.52
C LEU A 197 -28.52 7.48 29.40
N SER A 198 -28.79 7.06 28.18
CA SER A 198 -28.71 7.92 27.00
C SER A 198 -29.65 9.11 27.18
N LYS A 199 -30.82 8.85 27.70
CA LYS A 199 -31.75 9.92 27.91
C LYS A 199 -31.31 10.96 28.98
N ARG A 200 -30.63 10.53 30.06
CA ARG A 200 -29.97 11.40 31.02
C ARG A 200 -28.85 12.16 30.34
N LEU A 201 -28.10 11.47 29.47
CA LEU A 201 -27.01 12.13 28.78
C LEU A 201 -27.49 13.21 27.82
N PHE A 202 -28.52 12.98 27.01
CA PHE A 202 -29.04 14.06 26.16
C PHE A 202 -29.34 15.36 26.99
N LYS A 203 -29.91 15.14 28.16
CA LYS A 203 -30.39 16.22 29.03
C LYS A 203 -29.17 16.95 29.58
N LEU A 204 -28.17 16.18 30.00
CA LEU A 204 -26.98 16.84 30.52
C LEU A 204 -26.24 17.62 29.41
N ALA A 205 -26.19 17.05 28.20
CA ALA A 205 -25.51 17.72 27.09
C ALA A 205 -26.29 18.95 26.70
N ALA A 206 -27.61 18.82 26.63
CA ALA A 206 -28.45 19.97 26.33
C ALA A 206 -28.19 21.14 27.32
N GLN A 207 -28.11 20.85 28.60
CA GLN A 207 -27.91 21.87 29.61
C GLN A 207 -26.51 22.44 29.55
N ALA A 208 -25.50 21.60 29.26
CA ALA A 208 -24.10 22.07 29.13
C ALA A 208 -23.93 23.09 27.97
N THR A 209 -24.82 23.02 26.98
CA THR A 209 -24.68 23.83 25.78
C THR A 209 -25.87 24.76 25.54
N ARG A 210 -26.73 24.92 26.56
CA ARG A 210 -27.81 25.90 26.54
C ARG A 210 -28.76 25.67 25.39
N TYR A 211 -29.01 24.40 25.09
CA TYR A 211 -29.86 24.06 23.97
C TYR A 211 -31.31 24.37 24.28
N GLY A 212 -31.62 24.49 25.58
CA GLY A 212 -33.01 24.42 26.02
C GLY A 212 -33.52 22.97 26.12
N GLU A 213 -34.82 22.83 26.36
CA GLU A 213 -35.41 21.53 26.52
C GLU A 213 -35.23 20.68 25.25
N PHE A 214 -34.71 19.47 25.42
CA PHE A 214 -34.42 18.64 24.26
C PHE A 214 -35.26 17.39 24.33
N VAL A 215 -35.75 16.95 23.18
CA VAL A 215 -36.51 15.71 23.07
C VAL A 215 -36.02 14.85 21.88
N ARG A 216 -35.45 13.68 22.20
CA ARG A 216 -34.91 12.80 21.18
C ARG A 216 -36.03 12.36 20.24
N ALA A 217 -35.82 12.55 18.96
CA ALA A 217 -36.79 12.12 17.97
C ALA A 217 -36.26 10.85 17.28
N LYS A 218 -37.09 9.84 17.08
CA LYS A 218 -36.62 8.61 16.42
C LYS A 218 -36.69 8.63 14.89
N ARG A 219 -35.96 7.67 14.29
CA ARG A 219 -36.00 7.36 12.85
C ARG A 219 -35.67 8.53 11.94
N GLY A 220 -34.79 9.38 12.45
CA GLY A 220 -34.34 10.56 11.72
C GLY A 220 -35.43 11.61 11.52
N SER A 221 -36.49 11.57 12.34
CA SER A 221 -37.66 12.45 12.08
C SER A 221 -37.54 13.85 12.72
N GLY A 222 -36.48 14.06 13.49
CA GLY A 222 -36.30 15.33 14.15
C GLY A 222 -35.76 16.39 13.18
N GLY A 223 -36.34 17.59 13.26
CA GLY A 223 -35.90 18.69 12.42
C GLY A 223 -34.97 19.65 13.17
N ASP A 224 -34.91 19.56 14.50
CA ASP A 224 -34.05 20.50 15.23
C ASP A 224 -32.61 20.06 15.09
N PRO A 225 -31.66 21.00 15.21
CA PRO A 225 -30.24 20.77 14.97
C PRO A 225 -29.62 19.62 15.75
N ALA A 226 -29.91 19.50 17.02
CA ALA A 226 -29.33 18.45 17.85
C ALA A 226 -29.74 17.08 17.35
N ASN A 227 -31.02 16.91 17.07
CA ASN A 227 -31.51 15.62 16.60
C ASN A 227 -30.85 15.25 15.26
N ARG A 228 -30.76 16.24 14.36
CA ARG A 228 -30.13 16.03 13.05
C ARG A 228 -28.66 15.63 13.13
N PHE A 229 -27.93 16.26 14.05
CA PHE A 229 -26.52 15.97 14.23
C PHE A 229 -26.35 14.67 14.91
N LEU A 230 -27.27 14.33 15.85
CA LEU A 230 -27.23 13.02 16.46
C LEU A 230 -27.40 11.91 15.37
N ASP A 231 -28.46 11.97 14.58
CA ASP A 231 -28.67 11.08 13.42
C ASP A 231 -27.48 11.05 12.45
N HIS A 232 -26.97 12.23 12.07
CA HIS A 232 -25.79 12.26 11.23
C HIS A 232 -24.53 11.62 11.85
N GLY A 233 -24.26 11.96 13.11
CA GLY A 233 -23.09 11.44 13.82
C GLY A 233 -23.13 9.89 13.92
N ASN A 234 -24.32 9.35 14.09
CA ASN A 234 -24.46 7.91 14.23
C ASN A 234 -23.90 7.20 13.03
N TYR A 235 -24.00 7.81 11.84
CA TYR A 235 -23.51 7.16 10.61
C TYR A 235 -22.01 6.97 10.64
N LEU A 236 -21.35 7.99 11.18
CA LEU A 236 -19.90 7.96 11.40
C LEU A 236 -19.55 6.82 12.34
N ALA A 237 -20.37 6.67 13.37
CA ALA A 237 -20.06 5.64 14.36
C ALA A 237 -20.28 4.27 13.71
N TYR A 238 -21.38 4.14 12.97
CA TYR A 238 -21.68 2.89 12.23
C TYR A 238 -20.54 2.55 11.28
N GLY A 239 -20.07 3.53 10.52
CA GLY A 239 -18.98 3.28 9.63
C GLY A 239 -17.75 2.75 10.34
N LEU A 240 -17.35 3.36 11.44
CA LEU A 240 -16.14 2.88 12.11
C LEU A 240 -16.38 1.48 12.68
N ALA A 241 -17.59 1.22 13.18
CA ALA A 241 -17.97 -0.10 13.71
C ALA A 241 -17.95 -1.15 12.63
N ALA A 242 -18.58 -0.85 11.49
CA ALA A 242 -18.51 -1.70 10.30
C ALA A 242 -17.07 -1.98 9.91
N THR A 243 -16.21 -0.98 10.02
CA THR A 243 -14.79 -1.17 9.72
C THR A 243 -14.14 -2.08 10.79
N ALA A 244 -14.35 -1.76 12.07
CA ALA A 244 -13.74 -2.50 13.17
C ALA A 244 -14.05 -4.02 13.09
N THR A 245 -15.32 -4.34 12.89
CA THR A 245 -15.70 -5.72 12.79
C THR A 245 -15.18 -6.41 11.52
N TRP A 246 -15.34 -5.78 10.36
CA TRP A 246 -14.77 -6.28 9.12
C TRP A 246 -13.24 -6.54 9.19
N VAL A 247 -12.47 -5.60 9.72
CA VAL A 247 -11.03 -5.76 9.78
C VAL A 247 -10.59 -6.99 10.63
N LEU A 248 -11.41 -7.37 11.62
CA LEU A 248 -11.17 -8.55 12.48
C LEU A 248 -11.78 -9.86 11.97
N GLY A 249 -12.51 -9.79 10.87
CA GLY A 249 -13.22 -10.89 10.26
C GLY A 249 -14.48 -11.32 10.98
N ILE A 250 -15.08 -10.45 11.80
CA ILE A 250 -16.33 -10.79 12.45
C ILE A 250 -17.48 -10.30 11.60
N PRO A 251 -18.39 -11.20 11.23
CA PRO A 251 -19.58 -10.87 10.44
C PRO A 251 -20.46 -9.87 11.23
N HIS A 252 -21.04 -8.91 10.55
CA HIS A 252 -21.83 -7.85 11.15
C HIS A 252 -23.04 -8.38 11.91
N GLY A 253 -23.52 -9.54 11.48
CA GLY A 253 -24.75 -10.06 12.03
C GLY A 253 -24.64 -10.73 13.39
N LEU A 254 -23.45 -10.97 13.90
CA LEU A 254 -23.28 -11.71 15.18
C LEU A 254 -23.40 -10.74 16.37
N ALA A 255 -24.54 -10.10 16.48
CA ALA A 255 -24.79 -9.09 17.50
C ALA A 255 -24.87 -9.73 18.90
N VAL A 256 -24.35 -9.06 19.91
CA VAL A 256 -24.63 -9.47 21.30
C VAL A 256 -25.61 -8.58 22.07
N LEU A 257 -25.99 -7.45 21.55
CA LEU A 257 -26.92 -6.60 22.22
C LEU A 257 -28.13 -6.26 21.41
N HIS A 258 -27.93 -5.56 20.32
CA HIS A 258 -29.02 -5.05 19.48
C HIS A 258 -29.64 -6.02 18.42
N GLY A 259 -29.37 -7.30 18.60
CA GLY A 259 -29.82 -8.38 17.71
C GLY A 259 -31.30 -8.47 17.35
N LYS A 260 -32.16 -8.09 18.29
CA LYS A 260 -33.61 -8.23 18.11
C LYS A 260 -34.20 -7.15 17.22
N THR A 261 -33.63 -5.97 17.28
CA THR A 261 -34.20 -4.80 16.60
C THR A 261 -33.40 -4.35 15.36
N ARG A 262 -32.26 -4.97 15.14
CA ARG A 262 -31.33 -4.56 14.13
C ARG A 262 -30.71 -5.72 13.32
N ARG A 263 -30.77 -5.62 12.00
CA ARG A 263 -29.92 -6.48 11.17
C ARG A 263 -28.46 -5.96 11.21
N GLY A 264 -27.51 -6.87 11.00
CA GLY A 264 -26.11 -6.47 11.11
C GLY A 264 -25.87 -5.78 12.47
N GLY A 265 -26.47 -6.35 13.51
CA GLY A 265 -26.58 -5.74 14.82
C GLY A 265 -25.28 -5.49 15.55
N LEU A 266 -24.23 -6.24 15.21
CA LEU A 266 -22.94 -6.05 15.87
C LEU A 266 -22.37 -4.65 15.55
N VAL A 267 -22.74 -4.09 14.40
CA VAL A 267 -22.31 -2.75 14.02
C VAL A 267 -22.84 -1.72 15.06
N PHE A 268 -24.12 -1.86 15.39
CA PHE A 268 -24.75 -1.05 16.45
C PHE A 268 -24.13 -1.28 17.83
N ASP A 269 -23.78 -2.53 18.17
CA ASP A 269 -23.23 -2.82 19.48
C ASP A 269 -21.91 -2.13 19.58
N VAL A 270 -21.14 -2.18 18.50
CA VAL A 270 -19.78 -1.56 18.50
C VAL A 270 -19.85 -0.07 18.39
N ALA A 271 -20.80 0.44 17.63
CA ALA A 271 -20.95 1.92 17.50
C ALA A 271 -21.29 2.56 18.87
N ASP A 272 -22.04 1.81 19.70
CA ASP A 272 -22.42 2.20 21.08
C ASP A 272 -21.21 2.48 22.00
N LEU A 273 -20.05 1.92 21.66
CA LEU A 273 -18.83 2.29 22.38
C LEU A 273 -18.44 3.77 22.33
N ILE A 274 -18.84 4.49 21.30
CA ILE A 274 -18.41 5.87 21.20
C ILE A 274 -19.60 6.82 20.92
N LYS A 275 -20.81 6.31 20.71
CA LYS A 275 -21.92 7.23 20.45
C LYS A 275 -22.17 8.26 21.57
N ASP A 276 -22.41 7.80 22.78
CA ASP A 276 -22.68 8.72 23.86
C ASP A 276 -21.42 9.44 24.31
N SER A 277 -20.26 8.79 24.20
CA SER A 277 -19.04 9.40 24.73
C SER A 277 -18.55 10.57 23.86
N LEU A 278 -18.66 10.40 22.55
CA LEU A 278 -18.04 11.33 21.60
C LEU A 278 -19.04 12.04 20.69
N ILE A 279 -19.90 11.28 19.99
CA ILE A 279 -20.79 11.85 19.00
C ILE A 279 -21.80 12.82 19.71
N LEU A 280 -22.29 12.41 20.87
CA LEU A 280 -23.38 13.07 21.49
C LEU A 280 -23.00 14.54 21.93
N PRO A 281 -21.87 14.71 22.64
CA PRO A 281 -21.50 16.07 23.03
C PRO A 281 -21.23 16.92 21.79
N GLN A 282 -20.60 16.32 20.80
CA GLN A 282 -20.26 17.10 19.60
C GLN A 282 -21.51 17.59 18.84
N ALA A 283 -22.58 16.79 18.92
CA ALA A 283 -23.85 17.14 18.26
C ALA A 283 -24.39 18.39 18.92
N PHE A 284 -24.29 18.43 20.26
CA PHE A 284 -24.78 19.61 20.99
C PHE A 284 -23.85 20.83 20.81
N LEU A 285 -22.53 20.59 20.77
CA LEU A 285 -21.56 21.67 20.49
C LEU A 285 -21.85 22.29 19.14
N SER A 286 -22.07 21.47 18.10
CA SER A 286 -22.30 21.98 16.77
C SER A 286 -23.60 22.79 16.73
N ALA A 287 -24.64 22.31 17.41
CA ALA A 287 -25.90 23.03 17.46
C ALA A 287 -25.69 24.42 18.14
N MSE A 288 -24.97 24.40 19.26
CA MSE A 288 -24.63 25.60 19.98
C MSE A 288 -23.90 26.64 19.12
O MSE A 288 -24.23 27.83 19.15
CB MSE A 288 -23.80 25.21 21.20
CG MSE A 288 -23.45 26.43 22.05
SE MSE A 288 -22.19 25.88 23.48
CE MSE A 288 -20.49 26.03 22.41
N ARG A 289 -22.93 26.24 18.32
CA ARG A 289 -22.15 27.12 17.51
C ARG A 289 -22.84 27.56 16.24
N GLY A 290 -23.96 26.96 15.90
CA GLY A 290 -24.47 27.13 14.53
C GLY A 290 -23.70 26.46 13.36
N ASP A 291 -23.00 25.35 13.60
CA ASP A 291 -22.35 24.57 12.52
C ASP A 291 -23.30 24.11 11.43
N GLU A 292 -22.83 24.09 10.18
CA GLU A 292 -23.55 23.33 9.14
C GLU A 292 -23.19 21.84 9.37
N GLU A 293 -24.00 20.97 8.82
CA GLU A 293 -23.78 19.53 8.90
C GLU A 293 -22.35 19.11 8.54
N GLN A 294 -21.81 19.65 7.47
CA GLN A 294 -20.47 19.20 7.14
C GLN A 294 -19.41 19.64 8.16
N ASP A 295 -19.60 20.82 8.75
CA ASP A 295 -18.83 21.27 9.88
C ASP A 295 -18.93 20.33 11.07
N PHE A 296 -20.13 19.94 11.44
CA PHE A 296 -20.30 18.97 12.47
C PHE A 296 -19.54 17.66 12.17
N ARG A 297 -19.66 17.18 10.93
CA ARG A 297 -19.07 15.87 10.54
C ARG A 297 -17.56 15.99 10.67
N GLN A 298 -16.99 17.09 10.18
CA GLN A 298 -15.55 17.28 10.29
C GLN A 298 -15.11 17.35 11.77
N ALA A 299 -15.91 18.02 12.60
CA ALA A 299 -15.54 18.17 14.00
C ALA A 299 -15.53 16.75 14.62
N CYS A 300 -16.53 15.92 14.31
CA CYS A 300 -16.56 14.51 14.81
C CYS A 300 -15.37 13.73 14.38
N LEU A 301 -15.04 13.77 13.11
CA LEU A 301 -13.89 13.02 12.60
C LEU A 301 -12.65 13.41 13.33
N ASP A 302 -12.52 14.70 13.63
CA ASP A 302 -11.39 15.17 14.40
C ASP A 302 -11.39 14.61 15.79
N ASN A 303 -12.53 14.65 16.46
CA ASN A 303 -12.64 14.01 17.76
C ASN A 303 -12.33 12.50 17.67
N LEU A 304 -12.94 11.79 16.72
CA LEU A 304 -12.76 10.32 16.66
C LEU A 304 -11.31 9.90 16.43
N SER A 305 -10.62 10.68 15.64
CA SER A 305 -9.21 10.48 15.36
C SER A 305 -8.36 10.79 16.60
N ARG A 306 -8.60 11.93 17.26
CA ARG A 306 -7.86 12.36 18.44
C ARG A 306 -8.04 11.36 19.57
N ALA A 307 -9.26 10.89 19.72
CA ALA A 307 -9.58 9.94 20.80
C ALA A 307 -9.25 8.48 20.41
N GLN A 308 -8.74 8.26 19.20
CA GLN A 308 -8.44 6.92 18.74
C GLN A 308 -9.62 5.99 18.85
N ALA A 309 -10.78 6.45 18.41
CA ALA A 309 -12.01 5.70 18.51
C ALA A 309 -11.92 4.33 17.79
N LEU A 310 -11.43 4.28 16.55
CA LEU A 310 -11.40 3.02 15.82
C LEU A 310 -10.49 2.01 16.53
N ASP A 311 -9.39 2.50 17.08
CA ASP A 311 -8.48 1.61 17.77
C ASP A 311 -9.18 1.01 19.00
N PHE A 312 -10.03 1.80 19.63
CA PHE A 312 -10.69 1.33 20.83
C PHE A 312 -11.71 0.31 20.51
N MSE A 313 -12.47 0.55 19.45
CA MSE A 313 -13.48 -0.41 19.05
C MSE A 313 -12.82 -1.76 18.76
O MSE A 313 -13.32 -2.81 19.14
CB MSE A 313 -14.23 0.05 17.82
CG MSE A 313 -15.01 1.36 18.03
SE MSE A 313 -15.72 1.79 16.25
CE MSE A 313 -17.27 2.82 16.81
N ILE A 314 -11.72 -1.70 18.03
CA ILE A 314 -10.99 -2.89 17.67
C ILE A 314 -10.44 -3.62 18.88
N ASP A 315 -9.81 -2.91 19.82
CA ASP A 315 -9.32 -3.55 21.05
C ASP A 315 -10.47 -4.19 21.83
N THR A 316 -11.59 -3.48 21.94
CA THR A 316 -12.71 -3.97 22.69
C THR A 316 -13.22 -5.29 22.09
N LEU A 317 -13.41 -5.34 20.77
CA LEU A 317 -13.84 -6.60 20.12
C LEU A 317 -12.85 -7.75 20.45
N LYS A 318 -11.56 -7.48 20.32
CA LYS A 318 -10.52 -8.45 20.70
C LYS A 318 -10.65 -8.92 22.18
N ASP A 319 -10.77 -7.96 23.11
CA ASP A 319 -10.95 -8.24 24.52
CA ASP A 319 -10.93 -8.28 24.52
C ASP A 319 -12.17 -9.13 24.76
N VAL A 320 -13.30 -8.74 24.17
CA VAL A 320 -14.53 -9.51 24.29
C VAL A 320 -14.39 -10.96 23.70
N ALA A 321 -13.77 -11.09 22.53
CA ALA A 321 -13.52 -12.39 21.94
C ALA A 321 -12.57 -13.23 22.87
N GLN A 322 -11.55 -12.60 23.43
CA GLN A 322 -10.57 -13.31 24.25
C GLN A 322 -11.18 -13.73 25.60
N ARG A 323 -12.04 -12.91 26.15
CA ARG A 323 -12.71 -13.25 27.41
C ARG A 323 -13.79 -14.30 27.28
N SER A 324 -14.41 -14.42 26.10
CA SER A 324 -15.44 -15.46 25.91
C SER A 324 -14.82 -16.85 26.09
N THR A 325 -13.50 -16.85 26.06
CA THR A 325 -12.69 -18.04 25.89
C THR A 325 -12.27 -18.66 27.24
N VAL A 326 -12.97 -18.22 28.30
CA VAL A 326 -12.79 -18.74 29.66
C VAL A 326 -14.15 -19.03 30.30
N ASP B 7 0.83 6.71 19.45
CA ASP B 7 1.89 5.85 19.98
C ASP B 7 3.04 5.71 18.97
N ILE B 8 2.75 5.07 17.84
CA ILE B 8 3.65 5.04 16.71
C ILE B 8 3.01 5.91 15.65
N SER B 9 3.79 6.70 14.95
CA SER B 9 3.28 7.37 13.75
C SER B 9 2.91 6.35 12.64
N PRO B 10 2.08 6.75 11.67
CA PRO B 10 1.81 5.92 10.49
C PRO B 10 3.08 5.70 9.64
N SER B 11 3.98 6.69 9.69
CA SER B 11 5.26 6.60 9.01
C SER B 11 6.15 5.53 9.60
N GLU B 12 6.29 5.55 10.93
CA GLU B 12 7.11 4.58 11.58
C GLU B 12 6.55 3.16 11.38
N LEU B 13 5.22 3.05 11.37
CA LEU B 13 4.59 1.77 11.11
C LEU B 13 5.02 1.32 9.72
N LYS B 14 4.94 2.22 8.76
CA LYS B 14 5.33 1.87 7.38
C LYS B 14 6.81 1.46 7.27
N THR B 15 7.66 2.11 8.05
CA THR B 15 9.06 1.74 8.13
C THR B 15 9.26 0.33 8.64
N ILE B 16 8.56 -0.02 9.70
CA ILE B 16 8.60 -1.37 10.24
C ILE B 16 8.13 -2.35 9.19
N LEU B 17 7.09 -1.96 8.48
CA LEU B 17 6.49 -2.83 7.50
C LEU B 17 7.49 -3.01 6.34
N HIS B 18 8.12 -1.92 5.91
CA HIS B 18 9.11 -2.02 4.86
C HIS B 18 10.25 -2.96 5.33
N SER B 19 10.62 -2.84 6.59
CA SER B 19 11.73 -3.62 7.14
C SER B 19 11.40 -5.11 7.15
N LYS B 20 10.13 -5.47 6.95
CA LYS B 20 9.78 -6.88 6.93
C LYS B 20 9.67 -7.49 5.54
N ARG B 21 9.97 -6.71 4.51
CA ARG B 21 9.88 -7.27 3.16
C ARG B 21 10.98 -8.32 2.97
N ALA B 22 10.61 -9.43 2.38
CA ALA B 22 11.48 -10.60 2.41
C ALA B 22 12.22 -10.87 1.10
N ASN B 23 11.74 -10.28 0.02
CA ASN B 23 12.28 -10.59 -1.28
C ASN B 23 13.35 -9.65 -1.70
N LEU B 24 14.34 -10.21 -2.36
CA LEU B 24 15.46 -9.47 -2.88
C LEU B 24 15.88 -10.28 -4.12
N TYR B 25 15.79 -9.70 -5.32
CA TYR B 25 16.10 -10.43 -6.54
C TYR B 25 17.46 -10.07 -7.12
N TYR B 26 18.13 -11.09 -7.64
CA TYR B 26 19.38 -10.93 -8.36
C TYR B 26 19.13 -11.51 -9.75
N LEU B 27 19.19 -10.68 -10.78
CA LEU B 27 18.71 -11.12 -12.09
C LEU B 27 19.84 -11.03 -13.09
N GLN B 28 19.82 -11.92 -14.05
CA GLN B 28 20.76 -11.85 -15.16
C GLN B 28 20.00 -12.24 -16.43
N HIS B 29 20.42 -11.76 -17.59
CA HIS B 29 19.82 -12.19 -18.84
C HIS B 29 18.31 -12.20 -18.84
N CYS B 30 17.71 -11.06 -18.57
CA CYS B 30 16.26 -10.99 -18.59
C CYS B 30 15.88 -9.55 -18.79
N ARG B 31 14.61 -9.27 -19.00
CA ARG B 31 14.15 -7.91 -19.15
C ARG B 31 13.13 -7.64 -18.08
N VAL B 32 13.29 -6.54 -17.38
CA VAL B 32 12.33 -6.14 -16.36
C VAL B 32 11.42 -5.12 -17.00
N LEU B 33 10.13 -5.39 -16.92
CA LEU B 33 9.14 -4.60 -17.62
C LEU B 33 7.80 -4.75 -16.92
N VAL B 34 6.82 -4.05 -17.44
CA VAL B 34 5.46 -4.12 -16.96
C VAL B 34 4.60 -4.88 -17.97
N ASN B 35 3.75 -5.75 -17.41
CA ASN B 35 2.94 -6.73 -18.15
C ASN B 35 1.60 -6.81 -17.42
N GLY B 36 0.52 -6.47 -18.09
CA GLY B 36 -0.75 -6.42 -17.40
C GLY B 36 -0.66 -5.69 -16.07
N GLY B 37 0.05 -4.56 -16.04
CA GLY B 37 0.13 -3.75 -14.83
C GLY B 37 0.94 -4.33 -13.66
N ARG B 38 1.56 -5.48 -13.88
CA ARG B 38 2.49 -6.13 -12.96
C ARG B 38 3.92 -5.92 -13.40
N VAL B 39 4.82 -5.83 -12.44
CA VAL B 39 6.24 -5.81 -12.76
C VAL B 39 6.73 -7.25 -12.87
N GLU B 40 7.45 -7.54 -13.94
CA GLU B 40 7.92 -8.88 -14.23
C GLU B 40 9.26 -8.88 -14.91
N TYR B 41 9.94 -10.01 -14.79
CA TYR B 41 11.14 -10.19 -15.56
C TYR B 41 10.88 -11.31 -16.56
N VAL B 42 11.49 -11.16 -17.74
CA VAL B 42 11.23 -12.01 -18.87
C VAL B 42 12.53 -12.54 -19.40
N THR B 43 12.60 -13.87 -19.51
CA THR B 43 13.73 -14.58 -20.11
C THR B 43 13.33 -15.20 -21.44
N ASP B 44 14.32 -15.40 -22.29
CA ASP B 44 14.13 -15.90 -23.65
C ASP B 44 14.49 -17.38 -23.63
N GLU B 45 13.50 -18.26 -23.65
CA GLU B 45 13.74 -19.70 -23.64
C GLU B 45 13.68 -20.27 -25.07
N GLY B 46 14.64 -19.84 -25.89
CA GLY B 46 14.71 -20.22 -27.30
C GLY B 46 13.52 -19.77 -28.15
N ARG B 47 12.41 -20.48 -27.97
CA ARG B 47 11.15 -20.12 -28.58
C ARG B 47 10.34 -19.47 -27.50
N HIS B 48 9.98 -20.29 -26.50
CA HIS B 48 9.39 -19.80 -25.25
C HIS B 48 9.97 -18.40 -24.84
N SER B 49 9.14 -17.59 -24.18
CA SER B 49 9.61 -16.59 -23.25
C SER B 49 8.97 -16.97 -21.93
N HIS B 50 9.77 -17.00 -20.86
CA HIS B 50 9.22 -17.25 -19.51
C HIS B 50 9.06 -15.90 -18.79
N TYR B 51 8.00 -15.79 -18.01
CA TYR B 51 7.60 -14.55 -17.32
C TYR B 51 7.49 -14.79 -15.85
N TRP B 52 8.17 -13.96 -15.07
CA TRP B 52 8.29 -14.16 -13.65
C TRP B 52 7.82 -12.95 -12.90
N ASN B 53 6.82 -13.14 -12.07
CA ASN B 53 6.31 -12.04 -11.33
C ASN B 53 7.29 -11.46 -10.33
N ILE B 54 7.24 -10.13 -10.15
CA ILE B 54 7.91 -9.47 -9.05
C ILE B 54 6.92 -8.81 -8.11
N PRO B 55 6.74 -9.41 -6.93
CA PRO B 55 5.81 -8.92 -5.90
C PRO B 55 6.39 -7.64 -5.26
N ILE B 56 6.13 -6.51 -5.90
CA ILE B 56 6.83 -5.30 -5.48
C ILE B 56 6.60 -4.88 -4.03
N ALA B 57 5.43 -5.17 -3.47
CA ALA B 57 5.18 -4.72 -2.10
C ALA B 57 5.96 -5.54 -1.09
N ASN B 58 6.53 -6.65 -1.54
CA ASN B 58 7.36 -7.47 -0.68
C ASN B 58 8.81 -7.49 -0.98
N THR B 59 9.27 -6.54 -1.79
CA THR B 59 10.60 -6.61 -2.31
C THR B 59 11.38 -5.43 -1.76
N THR B 60 12.64 -5.61 -1.37
CA THR B 60 13.43 -4.45 -0.94
C THR B 60 14.24 -3.89 -2.10
N SER B 61 14.84 -4.77 -2.89
CA SER B 61 15.58 -4.33 -4.05
C SER B 61 15.72 -5.36 -5.15
N LEU B 62 16.05 -4.85 -6.34
CA LEU B 62 16.50 -5.65 -7.49
C LEU B 62 17.99 -5.39 -7.80
N LEU B 63 18.78 -6.45 -7.86
CA LEU B 63 20.10 -6.39 -8.43
C LEU B 63 20.04 -6.91 -9.89
N LEU B 64 20.49 -6.06 -10.80
CA LEU B 64 20.44 -6.32 -12.25
C LEU B 64 21.85 -6.42 -12.79
N GLY B 65 22.28 -7.63 -13.11
CA GLY B 65 23.61 -7.92 -13.54
C GLY B 65 23.63 -8.11 -15.05
N THR B 66 24.54 -8.97 -15.50
CA THR B 66 24.81 -9.26 -16.91
C THR B 66 23.59 -9.50 -17.74
N GLY B 67 23.52 -8.82 -18.88
CA GLY B 67 22.49 -9.09 -19.87
C GLY B 67 21.08 -8.72 -19.42
N THR B 68 20.98 -7.73 -18.53
CA THR B 68 19.69 -7.22 -18.09
C THR B 68 19.37 -5.88 -18.73
N SER B 69 18.08 -5.56 -18.70
CA SER B 69 17.54 -4.25 -19.04
C SER B 69 16.31 -4.00 -18.20
N ILE B 70 15.86 -2.73 -18.13
CA ILE B 70 14.65 -2.44 -17.38
C ILE B 70 13.97 -1.27 -18.08
N THR B 71 12.65 -1.21 -18.01
CA THR B 71 11.92 -0.10 -18.62
C THR B 71 11.51 0.99 -17.60
N GLN B 72 11.23 2.16 -18.17
CA GLN B 72 10.75 3.28 -17.39
C GLN B 72 9.42 2.96 -16.70
N ALA B 73 8.51 2.24 -17.36
CA ALA B 73 7.26 1.92 -16.68
C ALA B 73 7.52 1.00 -15.46
N ALA B 74 8.53 0.12 -15.54
CA ALA B 74 8.86 -0.72 -14.36
C ALA B 74 9.49 0.11 -13.27
N MSE B 75 10.42 0.99 -13.66
CA MSE B 75 10.97 1.99 -12.74
C MSE B 75 9.89 2.80 -12.02
O MSE B 75 9.99 3.06 -10.82
CB MSE B 75 11.96 2.93 -13.45
CG MSE B 75 13.22 2.24 -13.92
SE MSE B 75 14.17 1.24 -12.45
CE MSE B 75 14.21 2.59 -11.04
N ARG B 76 8.85 3.20 -12.73
CA ARG B 76 7.76 3.92 -12.12
C ARG B 76 7.11 3.09 -11.02
N GLU B 77 6.77 1.87 -11.35
CA GLU B 77 6.06 1.02 -10.42
C GLU B 77 6.95 0.71 -9.24
N LEU B 78 8.24 0.45 -9.51
CA LEU B 78 9.23 0.10 -8.47
C LEU B 78 9.51 1.24 -7.48
N ALA B 79 9.80 2.43 -8.02
CA ALA B 79 10.00 3.64 -7.21
C ALA B 79 8.81 3.93 -6.31
N ARG B 80 7.61 3.80 -6.86
CA ARG B 80 6.40 4.09 -6.15
C ARG B 80 6.22 3.13 -4.98
N ALA B 81 6.65 1.89 -5.17
CA ALA B 81 6.60 0.94 -4.08
C ALA B 81 7.85 1.01 -3.16
N GLY B 82 8.76 1.96 -3.42
CA GLY B 82 9.94 2.08 -2.58
C GLY B 82 11.01 0.98 -2.78
N VAL B 83 10.99 0.33 -3.93
CA VAL B 83 12.01 -0.67 -4.23
C VAL B 83 13.27 -0.06 -4.86
N LEU B 84 14.43 -0.36 -4.30
CA LEU B 84 15.66 0.06 -4.93
C LEU B 84 16.06 -0.83 -6.08
N VAL B 85 16.76 -0.24 -7.06
CA VAL B 85 17.25 -0.96 -8.23
C VAL B 85 18.72 -0.65 -8.38
N GLY B 86 19.56 -1.68 -8.32
CA GLY B 86 21.00 -1.55 -8.46
C GLY B 86 21.48 -2.34 -9.67
N PHE B 87 22.39 -1.76 -10.43
CA PHE B 87 23.02 -2.51 -11.51
C PHE B 87 24.38 -2.91 -11.06
N CYS B 88 24.66 -4.22 -11.14
CA CYS B 88 25.90 -4.79 -10.65
C CYS B 88 26.63 -5.47 -11.79
N GLY B 89 27.82 -5.98 -11.52
CA GLY B 89 28.68 -6.49 -12.59
C GLY B 89 28.39 -7.96 -12.69
N GLY B 90 29.18 -8.68 -13.49
CA GLY B 90 29.04 -10.13 -13.57
C GLY B 90 30.02 -10.86 -12.67
N GLY B 91 29.68 -12.10 -12.28
CA GLY B 91 30.59 -12.96 -11.55
C GLY B 91 31.15 -12.41 -10.24
N GLY B 92 30.36 -11.57 -9.56
CA GLY B 92 30.81 -10.92 -8.36
C GLY B 92 31.91 -9.90 -8.55
N THR B 93 32.21 -9.52 -9.80
CA THR B 93 33.27 -8.50 -10.04
C THR B 93 32.64 -7.10 -10.06
N PRO B 94 33.45 -6.05 -10.07
CA PRO B 94 32.79 -4.71 -10.05
C PRO B 94 31.95 -4.38 -11.31
N LEU B 95 30.91 -3.54 -11.18
CA LEU B 95 30.25 -3.00 -12.36
C LEU B 95 31.32 -2.29 -13.23
N PHE B 96 32.09 -1.41 -12.61
CA PHE B 96 33.26 -0.85 -13.24
C PHE B 96 34.28 -0.38 -12.15
N SER B 97 35.45 -0.01 -12.60
CA SER B 97 36.53 0.51 -11.75
C SER B 97 37.08 1.78 -12.36
N ALA B 98 37.16 2.82 -11.56
CA ALA B 98 37.58 4.15 -12.00
C ALA B 98 38.56 4.69 -10.97
N ASN B 99 39.77 5.00 -11.45
CA ASN B 99 40.89 5.31 -10.57
C ASN B 99 41.17 4.06 -9.75
N GLU B 100 41.27 4.22 -8.44
CA GLU B 100 41.54 3.07 -7.58
C GLU B 100 40.28 2.68 -6.81
N VAL B 101 39.12 3.07 -7.32
CA VAL B 101 37.88 2.77 -6.65
C VAL B 101 36.97 1.83 -7.46
N ASP B 102 36.56 0.73 -6.83
CA ASP B 102 35.66 -0.24 -7.47
C ASP B 102 34.23 0.11 -7.07
N VAL B 103 33.33 0.08 -8.05
CA VAL B 103 31.91 0.34 -7.86
C VAL B 103 31.23 -0.98 -8.09
N GLU B 104 30.67 -1.56 -7.04
CA GLU B 104 30.05 -2.87 -7.14
C GLU B 104 28.66 -2.73 -7.71
N VAL B 105 27.92 -1.72 -7.25
CA VAL B 105 26.55 -1.53 -7.67
C VAL B 105 26.29 -0.06 -7.96
N SER B 106 25.65 0.23 -9.09
CA SER B 106 25.08 1.58 -9.33
C SER B 106 23.62 1.59 -8.90
N TRP B 107 23.32 2.29 -7.81
CA TRP B 107 21.96 2.33 -7.23
C TRP B 107 21.08 3.41 -7.80
N LEU B 108 19.85 3.04 -8.09
CA LEU B 108 18.82 3.97 -8.42
C LEU B 108 17.80 3.98 -7.26
N THR B 109 17.71 5.13 -6.60
CA THR B 109 16.87 5.30 -5.41
C THR B 109 15.67 6.20 -5.68
N PRO B 110 14.53 5.77 -5.14
CA PRO B 110 13.27 6.45 -5.34
C PRO B 110 13.42 7.90 -4.89
N GLN B 111 12.88 8.83 -5.68
CA GLN B 111 13.06 10.26 -5.38
C GLN B 111 11.78 10.98 -5.02
N SER B 112 10.61 10.36 -5.20
CA SER B 112 9.37 11.10 -4.93
C SER B 112 8.59 10.51 -3.81
N GLU B 113 9.18 9.60 -3.05
CA GLU B 113 8.42 9.08 -1.93
C GLU B 113 9.10 9.76 -0.73
N TYR B 114 8.62 10.97 -0.38
CA TYR B 114 9.39 11.83 0.52
C TYR B 114 9.82 11.19 1.82
N ARG B 115 11.10 11.33 2.11
CA ARG B 115 11.69 10.73 3.30
C ARG B 115 11.50 11.59 4.56
N PRO B 116 11.53 10.96 5.73
CA PRO B 116 11.64 11.67 7.02
C PRO B 116 12.86 12.57 6.97
N THR B 117 12.87 13.59 7.80
CA THR B 117 13.93 14.58 7.72
C THR B 117 14.86 14.45 8.93
N GLU B 118 14.37 13.79 9.96
CA GLU B 118 15.05 13.94 11.24
C GLU B 118 16.43 13.24 11.27
N TYR B 119 16.56 12.08 10.60
CA TYR B 119 17.81 11.33 10.70
C TYR B 119 18.87 11.98 9.80
N LEU B 120 18.42 12.40 8.64
CA LEU B 120 19.27 13.20 7.76
C LEU B 120 19.83 14.42 8.50
N GLN B 121 18.97 15.12 9.24
CA GLN B 121 19.44 16.37 9.91
C GLN B 121 20.50 16.09 10.97
N ARG B 122 20.28 15.07 11.79
CA ARG B 122 21.30 14.50 12.69
C ARG B 122 22.59 14.08 11.99
N TRP B 123 22.45 13.32 10.92
CA TRP B 123 23.60 12.93 10.11
C TRP B 123 24.43 14.12 9.60
N VAL B 124 23.89 14.99 8.73
CA VAL B 124 24.67 16.15 8.28
C VAL B 124 25.09 17.02 9.51
N GLY B 125 24.39 16.87 10.64
CA GLY B 125 24.81 17.53 11.85
C GLY B 125 26.20 17.13 12.40
N PHE B 126 26.65 15.88 12.19
CA PHE B 126 27.94 15.46 12.74
C PHE B 126 28.98 15.17 11.68
N TRP B 127 28.56 15.08 10.44
CA TRP B 127 29.30 14.29 9.47
C TRP B 127 30.57 14.98 9.00
N PHE B 128 30.52 16.33 8.99
CA PHE B 128 31.66 17.12 8.52
C PHE B 128 32.77 17.17 9.58
N ASP B 129 32.46 16.73 10.81
CA ASP B 129 33.46 16.62 11.87
C ASP B 129 34.11 15.24 11.92
N GLU B 130 35.40 15.21 11.60
CA GLU B 130 36.11 13.93 11.47
C GLU B 130 36.11 13.10 12.74
N GLU B 131 36.25 13.72 13.89
CA GLU B 131 36.26 12.98 15.14
C GLU B 131 34.86 12.40 15.43
N LYS B 132 33.80 13.08 15.00
CA LYS B 132 32.47 12.53 15.21
C LYS B 132 32.10 11.38 14.21
N ARG B 133 32.62 11.45 12.98
CA ARG B 133 32.61 10.29 12.10
C ARG B 133 33.36 9.14 12.76
N LEU B 134 34.43 9.44 13.51
CA LEU B 134 35.14 8.34 14.18
C LEU B 134 34.22 7.65 15.16
N VAL B 135 33.44 8.43 15.91
CA VAL B 135 32.54 7.87 16.92
C VAL B 135 31.46 7.00 16.24
N ALA B 136 30.82 7.54 15.19
CA ALA B 136 29.90 6.80 14.34
C ALA B 136 30.53 5.48 13.80
N ALA B 137 31.75 5.54 13.25
CA ALA B 137 32.42 4.32 12.75
C ALA B 137 32.54 3.26 13.85
N ARG B 138 32.98 3.74 15.03
CA ARG B 138 33.25 2.87 16.17
C ARG B 138 31.96 2.23 16.61
N HIS B 139 30.88 3.00 16.58
CA HIS B 139 29.56 2.52 16.98
C HIS B 139 29.09 1.39 16.03
N PHE B 140 29.26 1.55 14.71
CA PHE B 140 28.95 0.48 13.75
C PHE B 140 29.79 -0.79 14.05
N GLN B 141 31.09 -0.61 14.28
CA GLN B 141 31.98 -1.74 14.59
C GLN B 141 31.55 -2.46 15.86
N ARG B 142 31.15 -1.72 16.88
CA ARG B 142 30.65 -2.34 18.10
C ARG B 142 29.42 -3.18 17.77
N ALA B 143 28.51 -2.59 17.00
CA ALA B 143 27.27 -3.29 16.67
C ALA B 143 27.58 -4.59 15.90
N ARG B 144 28.50 -4.50 14.95
CA ARG B 144 29.01 -5.62 14.18
CA ARG B 144 29.01 -5.63 14.17
C ARG B 144 29.54 -6.77 15.06
N LEU B 145 30.36 -6.42 16.07
CA LEU B 145 30.86 -7.47 16.98
C LEU B 145 29.76 -8.12 17.74
N GLU B 146 28.80 -7.35 18.21
CA GLU B 146 27.70 -7.98 18.95
C GLU B 146 26.94 -8.95 18.04
N ARG B 147 26.77 -8.62 16.75
CA ARG B 147 26.11 -9.57 15.82
C ARG B 147 26.93 -10.84 15.54
N ILE B 148 28.24 -10.70 15.33
CA ILE B 148 29.10 -11.85 15.16
C ILE B 148 28.93 -12.81 16.40
N ARG B 149 28.95 -12.26 17.62
CA ARG B 149 28.87 -13.06 18.86
C ARG B 149 27.58 -13.82 18.91
N HIS B 150 26.50 -13.06 18.81
CA HIS B 150 25.16 -13.61 18.85
C HIS B 150 24.93 -14.72 17.82
N SER B 151 25.31 -14.44 16.59
CA SER B 151 25.01 -15.35 15.53
C SER B 151 26.00 -16.53 15.50
N TRP B 152 27.26 -16.31 15.86
CA TRP B 152 28.19 -17.42 15.80
C TRP B 152 28.09 -18.28 17.06
N LEU B 153 27.70 -17.68 18.20
CA LEU B 153 27.71 -18.44 19.44
C LEU B 153 26.31 -18.87 19.91
N GLU B 154 25.32 -17.99 19.74
CA GLU B 154 23.96 -18.29 20.22
C GLU B 154 22.99 -18.64 19.12
N ASP B 155 23.48 -19.01 17.95
CA ASP B 155 22.54 -19.26 16.88
C ASP B 155 22.44 -20.77 16.70
N ARG B 156 21.47 -21.35 17.37
CA ARG B 156 21.19 -22.75 17.24
C ARG B 156 20.90 -23.11 15.77
N VAL B 157 20.29 -22.21 14.99
CA VAL B 157 19.97 -22.58 13.61
C VAL B 157 21.22 -22.84 12.75
N LEU B 158 22.28 -22.10 13.03
CA LEU B 158 23.53 -22.20 12.28
C LEU B 158 24.31 -23.47 12.71
N ARG B 159 24.31 -23.73 14.01
CA ARG B 159 24.83 -24.94 14.66
C ARG B 159 24.20 -26.17 14.02
N ASP B 160 22.88 -26.16 13.99
CA ASP B 160 22.13 -27.30 13.51
C ASP B 160 22.31 -27.50 12.04
N ALA B 161 22.78 -26.47 11.33
CA ALA B 161 23.08 -26.65 9.90
C ALA B 161 24.49 -27.15 9.58
N GLY B 162 25.33 -27.34 10.59
CA GLY B 162 26.67 -27.89 10.40
C GLY B 162 27.82 -26.90 10.52
N PHE B 163 27.54 -25.77 11.14
CA PHE B 163 28.58 -24.78 11.37
C PHE B 163 29.34 -25.18 12.61
N ALA B 164 30.21 -26.18 12.49
CA ALA B 164 30.87 -26.77 13.66
C ALA B 164 32.09 -25.92 14.04
N VAL B 165 31.82 -24.66 14.41
CA VAL B 165 32.85 -23.70 14.74
C VAL B 165 33.41 -23.90 16.15
N ASP B 166 34.71 -23.71 16.23
CA ASP B 166 35.40 -23.62 17.50
C ASP B 166 34.94 -22.37 18.27
N ALA B 167 33.97 -22.57 19.15
CA ALA B 167 33.37 -21.49 19.92
C ALA B 167 34.35 -20.75 20.86
N THR B 168 35.34 -21.45 21.36
CA THR B 168 36.25 -20.85 22.31
C THR B 168 37.11 -19.88 21.55
N ALA B 169 37.55 -20.34 20.40
CA ALA B 169 38.45 -19.58 19.54
C ALA B 169 37.73 -18.34 18.99
N LEU B 170 36.45 -18.47 18.69
CA LEU B 170 35.65 -17.36 18.19
C LEU B 170 35.50 -16.32 19.27
N ALA B 171 35.20 -16.75 20.48
CA ALA B 171 35.11 -15.82 21.60
C ALA B 171 36.41 -15.03 21.81
N VAL B 172 37.54 -15.71 21.74
CA VAL B 172 38.83 -15.07 21.90
C VAL B 172 39.03 -14.03 20.80
N ALA B 173 38.89 -14.40 19.54
CA ALA B 173 39.05 -13.40 18.46
C ALA B 173 38.13 -12.19 18.64
N VAL B 174 36.89 -12.42 19.05
CA VAL B 174 35.96 -11.32 19.14
C VAL B 174 36.37 -10.40 20.35
N GLU B 175 36.79 -11.03 21.45
CA GLU B 175 37.25 -10.27 22.60
C GLU B 175 38.50 -9.45 22.25
N ASP B 176 39.46 -10.06 21.57
CA ASP B 176 40.61 -9.28 21.14
C ASP B 176 40.21 -8.13 20.23
N SER B 177 39.30 -8.38 19.28
CA SER B 177 38.86 -7.29 18.40
C SER B 177 38.20 -6.16 19.18
N ALA B 178 37.28 -6.47 20.09
CA ALA B 178 36.71 -5.43 20.92
C ALA B 178 37.79 -4.55 21.57
N ARG B 179 38.83 -5.15 22.16
CA ARG B 179 39.83 -4.39 22.87
C ARG B 179 40.57 -3.49 21.87
N ALA B 180 40.93 -4.06 20.74
CA ALA B 180 41.58 -3.26 19.68
C ALA B 180 40.66 -2.11 19.17
N LEU B 181 39.39 -2.43 18.96
CA LEU B 181 38.46 -1.44 18.42
C LEU B 181 38.44 -0.21 19.29
N GLU B 182 38.30 -0.42 20.60
CA GLU B 182 38.16 0.68 21.54
C GLU B 182 39.50 1.42 21.70
N GLN B 183 40.59 0.81 21.23
CA GLN B 183 41.92 1.43 21.35
C GLN B 183 42.23 2.25 20.13
N ALA B 184 41.56 1.95 19.03
CA ALA B 184 41.80 2.61 17.76
C ALA B 184 41.77 4.14 17.89
N PRO B 185 42.87 4.78 17.50
CA PRO B 185 42.98 6.24 17.54
C PRO B 185 42.32 6.94 16.37
N ASN B 186 42.14 6.23 15.25
CA ASN B 186 41.62 6.86 14.05
C ASN B 186 40.98 5.84 13.10
N HIS B 187 40.56 6.29 11.93
CA HIS B 187 39.84 5.42 10.99
C HIS B 187 40.75 4.35 10.41
N GLU B 188 42.01 4.68 10.18
CA GLU B 188 42.95 3.73 9.62
C GLU B 188 43.09 2.54 10.60
N HIS B 189 43.21 2.80 11.92
CA HIS B 189 43.23 1.72 12.87
C HIS B 189 41.95 0.90 12.89
N LEU B 190 40.79 1.52 12.76
CA LEU B 190 39.57 0.72 12.69
C LEU B 190 39.54 -0.25 11.50
N LEU B 191 39.98 0.26 10.35
CA LEU B 191 39.92 -0.49 9.11
C LEU B 191 40.87 -1.62 9.21
N THR B 192 42.02 -1.34 9.85
CA THR B 192 43.02 -2.38 10.01
C THR B 192 42.46 -3.49 10.89
N GLU B 193 41.81 -3.12 11.99
CA GLU B 193 41.36 -4.17 12.89
C GLU B 193 40.27 -5.00 12.21
N GLU B 194 39.46 -4.35 11.39
CA GLU B 194 38.32 -5.01 10.76
C GLU B 194 38.77 -6.08 9.80
N ALA B 195 39.79 -5.76 9.01
CA ALA B 195 40.30 -6.75 8.08
C ALA B 195 40.89 -7.91 8.82
N ARG B 196 41.42 -7.61 10.01
CA ARG B 196 42.14 -8.60 10.84
C ARG B 196 41.14 -9.57 11.47
N LEU B 197 39.97 -9.08 11.88
CA LEU B 197 38.96 -9.97 12.40
C LEU B 197 38.43 -10.89 11.28
N SER B 198 38.19 -10.29 10.13
CA SER B 198 37.58 -10.96 8.99
C SER B 198 38.42 -12.15 8.51
N LYS B 199 39.71 -11.91 8.42
CA LYS B 199 40.64 -12.95 8.08
C LYS B 199 40.61 -14.14 9.14
N ARG B 200 40.61 -13.86 10.44
CA ARG B 200 40.42 -14.88 11.45
C ARG B 200 39.08 -15.58 11.27
N LEU B 201 38.05 -14.84 10.89
CA LEU B 201 36.76 -15.49 10.84
C LEU B 201 36.69 -16.39 9.58
N PHE B 202 37.27 -15.97 8.47
CA PHE B 202 37.19 -16.83 7.29
C PHE B 202 37.84 -18.17 7.65
N LYS B 203 38.92 -18.09 8.41
CA LYS B 203 39.72 -19.22 8.77
C LYS B 203 38.91 -20.14 9.64
N LEU B 204 38.28 -19.57 10.65
CA LEU B 204 37.41 -20.34 11.52
C LEU B 204 36.24 -20.98 10.76
N ALA B 205 35.68 -20.29 9.77
CA ALA B 205 34.49 -20.79 9.10
C ALA B 205 34.89 -21.95 8.17
N ALA B 206 36.04 -21.75 7.55
CA ALA B 206 36.67 -22.77 6.70
C ALA B 206 36.81 -24.07 7.53
N GLN B 207 37.39 -23.97 8.72
CA GLN B 207 37.60 -25.17 9.55
C GLN B 207 36.29 -25.77 10.02
N ALA B 208 35.35 -24.90 10.40
CA ALA B 208 34.01 -25.36 10.79
C ALA B 208 33.31 -26.21 9.74
N THR B 209 33.70 -26.10 8.49
CA THR B 209 32.90 -26.66 7.41
C THR B 209 33.75 -27.54 6.46
N ARG B 210 34.98 -27.79 6.89
CA ARG B 210 35.84 -28.77 6.30
C ARG B 210 36.17 -28.32 4.91
N TYR B 211 36.30 -27.00 4.75
CA TYR B 211 36.56 -26.42 3.43
C TYR B 211 37.94 -26.73 2.94
N GLY B 212 38.82 -27.05 3.90
CA GLY B 212 40.25 -26.99 3.63
C GLY B 212 40.82 -25.55 3.72
N GLU B 213 42.13 -25.42 3.53
CA GLU B 213 42.78 -24.13 3.45
C GLU B 213 42.06 -23.14 2.52
N PHE B 214 41.70 -21.99 3.11
CA PHE B 214 41.01 -20.94 2.38
C PHE B 214 41.82 -19.66 2.20
N VAL B 215 41.78 -19.12 1.00
CA VAL B 215 42.40 -17.83 0.76
C VAL B 215 41.43 -16.82 0.10
N ARG B 216 41.20 -15.70 0.79
CA ARG B 216 40.22 -14.72 0.32
C ARG B 216 40.80 -14.09 -0.90
N ALA B 217 40.04 -14.04 -1.98
CA ALA B 217 40.47 -13.42 -3.21
C ALA B 217 39.70 -12.09 -3.46
N LYS B 218 40.36 -11.06 -3.94
CA LYS B 218 39.70 -9.75 -3.94
C LYS B 218 38.97 -9.47 -5.21
N ARG B 219 38.06 -8.49 -5.16
CA ARG B 219 37.48 -7.91 -6.38
C ARG B 219 36.77 -8.97 -7.23
N GLY B 220 36.20 -9.96 -6.54
CA GLY B 220 35.49 -11.03 -7.22
C GLY B 220 36.39 -11.97 -8.03
N SER B 221 37.69 -11.91 -7.83
CA SER B 221 38.58 -12.71 -8.68
C SER B 221 38.54 -14.22 -8.38
N GLY B 222 38.16 -14.61 -7.17
CA GLY B 222 38.16 -16.03 -6.80
C GLY B 222 37.16 -16.93 -7.56
N GLY B 223 37.62 -18.14 -7.90
CA GLY B 223 36.84 -19.07 -8.68
C GLY B 223 36.17 -20.10 -7.79
N ASP B 224 36.62 -20.20 -6.54
CA ASP B 224 36.22 -21.31 -5.69
C ASP B 224 34.92 -21.02 -4.96
N PRO B 225 34.12 -22.04 -4.66
CA PRO B 225 32.78 -21.81 -4.09
C PRO B 225 32.72 -20.75 -2.97
N ALA B 226 33.60 -20.84 -1.98
CA ALA B 226 33.56 -19.94 -0.83
C ALA B 226 33.73 -18.47 -1.23
N ASN B 227 34.72 -18.18 -2.07
CA ASN B 227 34.97 -16.83 -2.50
C ASN B 227 33.77 -16.36 -3.32
N ARG B 228 33.31 -17.19 -4.25
CA ARG B 228 32.16 -16.77 -5.07
C ARG B 228 30.93 -16.47 -4.20
N PHE B 229 30.64 -17.33 -3.22
CA PHE B 229 29.47 -17.12 -2.38
C PHE B 229 29.65 -15.91 -1.49
N LEU B 230 30.90 -15.65 -1.04
CA LEU B 230 31.12 -14.48 -0.21
C LEU B 230 30.87 -13.18 -1.05
N ASP B 231 31.39 -13.11 -2.26
CA ASP B 231 31.07 -12.01 -3.18
C ASP B 231 29.58 -11.83 -3.54
N HIS B 232 28.91 -12.92 -3.90
CA HIS B 232 27.49 -12.86 -4.15
C HIS B 232 26.67 -12.40 -2.95
N GLY B 233 26.97 -12.94 -1.77
CA GLY B 233 26.25 -12.58 -0.56
C GLY B 233 26.43 -11.09 -0.17
N ASN B 234 27.59 -10.54 -0.41
CA ASN B 234 27.78 -9.14 -0.15
C ASN B 234 26.77 -8.26 -0.91
N TYR B 235 26.42 -8.64 -2.15
CA TYR B 235 25.39 -7.90 -2.92
C TYR B 235 24.10 -7.87 -2.15
N LEU B 236 23.76 -8.98 -1.53
CA LEU B 236 22.57 -9.02 -0.69
C LEU B 236 22.68 -8.03 0.49
N ALA B 237 23.85 -7.95 1.08
CA ALA B 237 24.00 -7.06 2.21
C ALA B 237 23.98 -5.60 1.74
N TYR B 238 24.57 -5.34 0.57
CA TYR B 238 24.56 -4.01 -0.04
C TYR B 238 23.11 -3.57 -0.30
N GLY B 239 22.29 -4.48 -0.82
CA GLY B 239 20.90 -4.14 -1.07
C GLY B 239 20.13 -3.78 0.18
N LEU B 240 20.20 -4.64 1.21
CA LEU B 240 19.60 -4.27 2.51
C LEU B 240 20.15 -2.95 3.06
N ALA B 241 21.47 -2.75 2.99
CA ALA B 241 22.09 -1.48 3.44
C ALA B 241 21.60 -0.26 2.64
N ALA B 242 21.48 -0.42 1.33
CA ALA B 242 21.02 0.65 0.46
C ALA B 242 19.58 0.97 0.83
N THR B 243 18.81 -0.07 1.16
CA THR B 243 17.41 0.12 1.56
C THR B 243 17.31 0.83 2.94
N ALA B 244 18.16 0.42 3.89
CA ALA B 244 18.09 0.88 5.26
C ALA B 244 18.38 2.42 5.31
N THR B 245 19.39 2.84 4.56
CA THR B 245 19.77 4.23 4.49
C THR B 245 18.72 5.01 3.71
N TRP B 246 18.30 4.50 2.55
CA TRP B 246 17.21 5.14 1.78
C TRP B 246 15.95 5.38 2.65
N VAL B 247 15.49 4.36 3.35
CA VAL B 247 14.25 4.46 4.08
C VAL B 247 14.31 5.49 5.22
N LEU B 248 15.50 5.70 5.82
CA LEU B 248 15.71 6.75 6.81
C LEU B 248 16.09 8.15 6.22
N GLY B 249 16.23 8.25 4.90
CA GLY B 249 16.58 9.51 4.26
C GLY B 249 18.05 9.89 4.37
N ILE B 250 18.92 8.92 4.62
CA ILE B 250 20.33 9.24 4.67
C ILE B 250 21.01 8.93 3.33
N PRO B 251 21.64 9.94 2.72
CA PRO B 251 22.31 9.74 1.43
C PRO B 251 23.44 8.69 1.56
N HIS B 252 23.65 7.85 0.54
CA HIS B 252 24.58 6.74 0.60
C HIS B 252 26.00 7.23 0.66
N GLY B 253 26.21 8.44 0.18
CA GLY B 253 27.52 9.03 0.16
C GLY B 253 28.11 9.42 1.52
N LEU B 254 27.28 9.53 2.57
CA LEU B 254 27.81 10.11 3.85
C LEU B 254 28.38 8.98 4.74
N ALA B 255 29.40 8.30 4.17
CA ALA B 255 30.13 7.22 4.83
C ALA B 255 30.90 7.70 6.07
N VAL B 256 30.95 6.85 7.11
CA VAL B 256 31.78 7.14 8.26
C VAL B 256 32.96 6.19 8.44
N LEU B 257 33.01 5.10 7.68
CA LEU B 257 34.14 4.20 7.77
C LEU B 257 34.77 3.90 6.43
N HIS B 258 34.00 3.53 5.43
CA HIS B 258 34.63 3.21 4.13
C HIS B 258 34.78 4.32 3.10
N GLY B 259 34.68 5.56 3.55
CA GLY B 259 34.61 6.69 2.63
C GLY B 259 35.81 6.94 1.75
N LYS B 260 36.96 6.38 2.10
CA LYS B 260 38.14 6.60 1.27
C LYS B 260 38.21 5.66 0.08
N THR B 261 37.64 4.49 0.24
CA THR B 261 37.81 3.53 -0.86
C THR B 261 36.51 3.16 -1.59
N ARG B 262 35.38 3.76 -1.18
CA ARG B 262 34.11 3.44 -1.80
C ARG B 262 33.27 4.68 -1.97
N ARG B 263 32.69 4.80 -3.16
CA ARG B 263 31.61 5.73 -3.39
C ARG B 263 30.31 5.18 -2.78
N GLY B 264 29.40 6.08 -2.40
CA GLY B 264 28.23 5.66 -1.64
C GLY B 264 28.66 4.73 -0.52
N GLY B 265 29.60 5.19 0.29
CA GLY B 265 30.28 4.32 1.22
C GLY B 265 29.55 3.91 2.47
N LEU B 266 28.48 4.65 2.77
CA LEU B 266 27.62 4.33 3.91
C LEU B 266 26.93 2.95 3.70
N VAL B 267 26.68 2.63 2.44
CA VAL B 267 26.11 1.32 2.10
C VAL B 267 27.04 0.20 2.60
N PHE B 268 28.32 0.38 2.35
CA PHE B 268 29.35 -0.56 2.88
C PHE B 268 29.45 -0.56 4.41
N ASP B 269 29.48 0.63 5.02
CA ASP B 269 29.50 0.75 6.46
C ASP B 269 28.37 -0.07 7.03
N VAL B 270 27.17 0.08 6.46
CA VAL B 270 25.97 -0.57 7.01
C VAL B 270 25.90 -2.07 6.70
N ALA B 271 26.39 -2.45 5.51
CA ALA B 271 26.38 -3.86 5.10
C ALA B 271 27.29 -4.70 6.03
N ASP B 272 28.31 -4.05 6.60
CA ASP B 272 29.30 -4.64 7.52
C ASP B 272 28.67 -5.10 8.85
N LEU B 273 27.54 -4.51 9.19
CA LEU B 273 26.76 -4.98 10.32
C LEU B 273 26.35 -6.49 10.25
N ILE B 274 26.20 -7.05 9.05
CA ILE B 274 25.75 -8.46 8.89
C ILE B 274 26.66 -9.29 7.94
N LYS B 275 27.64 -8.66 7.28
CA LYS B 275 28.49 -9.41 6.37
CA LYS B 275 28.54 -9.37 6.37
C LYS B 275 29.22 -10.57 7.11
N ASP B 276 29.94 -10.26 8.18
CA ASP B 276 30.65 -11.29 8.94
C ASP B 276 29.73 -12.15 9.82
N SER B 277 28.68 -11.58 10.42
CA SER B 277 27.83 -12.32 11.35
C SER B 277 26.95 -13.38 10.64
N LEU B 278 26.45 -13.03 9.45
CA LEU B 278 25.47 -13.86 8.72
C LEU B 278 25.87 -14.38 7.34
N ILE B 279 26.46 -13.53 6.49
CA ILE B 279 26.73 -13.92 5.11
C ILE B 279 27.90 -14.92 5.08
N LEU B 280 28.91 -14.59 5.87
CA LEU B 280 30.14 -15.34 5.92
C LEU B 280 29.94 -16.87 6.28
N PRO B 281 29.25 -17.20 7.39
CA PRO B 281 29.00 -18.60 7.71
C PRO B 281 28.24 -19.30 6.60
N GLN B 282 27.27 -18.61 6.01
CA GLN B 282 26.41 -19.27 5.07
C GLN B 282 27.17 -19.47 3.75
N ALA B 283 28.12 -18.59 3.44
CA ALA B 283 28.93 -18.86 2.25
C ALA B 283 29.65 -20.23 2.39
N PHE B 284 30.16 -20.54 3.59
CA PHE B 284 30.93 -21.78 3.78
C PHE B 284 29.97 -22.95 3.94
N LEU B 285 28.81 -22.72 4.56
CA LEU B 285 27.79 -23.77 4.60
C LEU B 285 27.33 -24.18 3.21
N SER B 286 27.04 -23.21 2.36
CA SER B 286 26.66 -23.56 1.02
C SER B 286 27.76 -24.27 0.23
N ALA B 287 29.00 -23.84 0.41
CA ALA B 287 30.11 -24.53 -0.24
C ALA B 287 30.18 -26.01 0.19
N MSE B 288 30.12 -26.20 1.49
CA MSE B 288 30.19 -27.50 2.11
C MSE B 288 29.13 -28.44 1.52
O MSE B 288 29.43 -29.59 1.16
CB MSE B 288 30.01 -27.38 3.61
CG MSE B 288 30.09 -28.74 4.35
SE MSE B 288 29.58 -28.44 6.18
CE MSE B 288 27.62 -28.45 5.96
N ARG B 289 27.89 -27.95 1.40
CA ARG B 289 26.82 -28.81 0.95
C ARG B 289 26.71 -28.91 -0.59
N GLY B 290 27.56 -28.18 -1.32
CA GLY B 290 27.42 -28.16 -2.78
C GLY B 290 26.22 -27.37 -3.35
N ASP B 291 25.67 -26.39 -2.59
CA ASP B 291 24.63 -25.47 -3.14
C ASP B 291 25.05 -24.83 -4.47
N GLU B 292 24.09 -24.60 -5.37
CA GLU B 292 24.35 -23.69 -6.47
C GLU B 292 24.21 -22.24 -5.91
N GLU B 293 24.68 -21.26 -6.69
CA GLU B 293 24.53 -19.86 -6.29
C GLU B 293 23.12 -19.49 -5.83
N GLN B 294 22.11 -19.82 -6.60
CA GLN B 294 20.79 -19.40 -6.21
C GLN B 294 20.27 -20.13 -4.98
N ASP B 295 20.76 -21.35 -4.71
CA ASP B 295 20.46 -22.02 -3.43
C ASP B 295 21.06 -21.22 -2.27
N PHE B 296 22.31 -20.83 -2.44
CA PHE B 296 22.99 -20.05 -1.44
C PHE B 296 22.25 -18.72 -1.19
N ARG B 297 21.77 -18.11 -2.27
CA ARG B 297 21.08 -16.82 -2.19
C ARG B 297 19.81 -17.05 -1.42
N GLN B 298 19.08 -18.11 -1.76
CA GLN B 298 17.85 -18.29 -0.99
C GLN B 298 18.16 -18.52 0.48
N ALA B 299 19.15 -19.39 0.77
CA ALA B 299 19.54 -19.66 2.16
C ALA B 299 19.85 -18.36 2.91
N CYS B 300 20.59 -17.42 2.28
CA CYS B 300 20.89 -16.11 2.95
C CYS B 300 19.68 -15.29 3.24
N LEU B 301 18.83 -15.16 2.24
CA LEU B 301 17.59 -14.42 2.42
C LEU B 301 16.77 -14.99 3.61
N ASP B 302 16.71 -16.31 3.71
CA ASP B 302 16.09 -16.94 4.85
C ASP B 302 16.76 -16.55 6.15
N ASN B 303 18.10 -16.64 6.23
CA ASN B 303 18.80 -16.25 7.46
C ASN B 303 18.55 -14.76 7.74
N LEU B 304 18.65 -13.91 6.73
CA LEU B 304 18.53 -12.46 6.96
C LEU B 304 17.09 -12.07 7.42
N SER B 305 16.10 -12.78 6.92
CA SER B 305 14.74 -12.59 7.36
C SER B 305 14.54 -13.05 8.81
N ARG B 306 15.01 -14.26 9.11
CA ARG B 306 14.98 -14.86 10.45
C ARG B 306 15.67 -14.00 11.51
N ALA B 307 16.87 -13.54 11.20
CA ALA B 307 17.65 -12.71 12.09
C ALA B 307 17.20 -11.25 12.07
N GLN B 308 16.20 -10.93 11.24
CA GLN B 308 15.72 -9.55 11.16
C GLN B 308 16.86 -8.57 10.90
N ALA B 309 17.66 -8.88 9.89
CA ALA B 309 18.82 -8.09 9.52
C ALA B 309 18.47 -6.63 9.15
N LEU B 310 17.48 -6.45 8.26
CA LEU B 310 17.06 -5.11 7.84
C LEU B 310 16.66 -4.23 9.04
N ASP B 311 15.97 -4.84 9.99
CA ASP B 311 15.49 -4.10 11.12
C ASP B 311 16.68 -3.68 12.00
N PHE B 312 17.67 -4.57 12.08
CA PHE B 312 18.87 -4.29 12.85
C PHE B 312 19.65 -3.13 12.23
N MSE B 313 19.77 -3.16 10.91
CA MSE B 313 20.48 -2.12 10.23
C MSE B 313 19.84 -0.73 10.46
O MSE B 313 20.52 0.25 10.66
CB MSE B 313 20.53 -2.45 8.74
CG MSE B 313 21.51 -3.57 8.37
SE MSE B 313 21.16 -3.82 6.43
CE MSE B 313 22.80 -4.74 5.89
N ILE B 314 18.52 -0.70 10.41
CA ILE B 314 17.73 0.51 10.56
C ILE B 314 17.81 1.03 11.99
N ASP B 315 17.71 0.12 12.96
CA ASP B 315 17.84 0.50 14.37
C ASP B 315 19.24 1.09 14.61
N THR B 316 20.25 0.49 14.01
CA THR B 316 21.62 0.88 14.32
C THR B 316 21.91 2.27 13.77
N LEU B 317 21.53 2.52 12.52
CA LEU B 317 21.56 3.85 11.90
C LEU B 317 20.90 4.89 12.81
N LYS B 318 19.69 4.58 13.28
CA LYS B 318 18.99 5.49 14.18
C LYS B 318 19.84 5.80 15.46
N ASP B 319 20.36 4.73 16.07
CA ASP B 319 21.16 4.86 17.29
C ASP B 319 22.37 5.68 17.01
N VAL B 320 23.07 5.38 15.93
CA VAL B 320 24.25 6.17 15.56
C VAL B 320 23.88 7.67 15.35
N ALA B 321 22.75 7.94 14.70
CA ALA B 321 22.33 9.32 14.44
C ALA B 321 21.91 10.02 15.75
N GLN B 322 21.14 9.33 16.56
CA GLN B 322 20.68 9.85 17.84
C GLN B 322 21.88 10.11 18.77
N ARG B 323 22.92 9.30 18.68
CA ARG B 323 24.03 9.38 19.62
C ARG B 323 25.11 10.37 19.14
N SER B 324 24.75 11.21 18.19
CA SER B 324 25.58 12.40 17.94
C SER B 324 24.83 13.66 18.35
N THR B 325 23.74 13.49 19.09
CA THR B 325 22.93 14.62 19.59
C THR B 325 23.34 14.95 21.03
N LEU C 17 -25.65 -12.07 -18.43
CA LEU C 17 -26.26 -13.38 -18.75
C LEU C 17 -26.98 -14.04 -17.57
N HIS C 18 -26.33 -14.02 -16.39
CA HIS C 18 -26.98 -14.49 -15.16
C HIS C 18 -27.45 -15.98 -15.23
N SER C 19 -26.51 -16.92 -15.16
CA SER C 19 -26.78 -18.28 -15.63
C SER C 19 -27.27 -19.26 -14.55
N LYS C 20 -27.05 -18.89 -13.27
CA LYS C 20 -26.91 -19.87 -12.17
C LYS C 20 -28.16 -20.08 -11.32
N ARG C 21 -29.09 -20.86 -11.89
CA ARG C 21 -30.36 -21.25 -11.26
C ARG C 21 -31.15 -19.99 -10.98
N ALA C 22 -32.39 -20.12 -10.53
CA ALA C 22 -33.35 -19.01 -10.42
C ALA C 22 -32.97 -17.89 -9.47
N ASN C 23 -31.71 -17.89 -9.03
CA ASN C 23 -31.29 -17.19 -7.84
C ASN C 23 -30.04 -16.32 -7.88
N LEU C 24 -29.05 -16.62 -8.72
CA LEU C 24 -27.87 -15.75 -8.93
C LEU C 24 -27.73 -15.25 -10.36
N TYR C 25 -27.68 -13.93 -10.51
CA TYR C 25 -27.55 -13.26 -11.79
C TYR C 25 -26.29 -12.39 -11.90
N TYR C 26 -25.70 -12.35 -13.08
CA TYR C 26 -24.50 -11.62 -13.30
C TYR C 26 -24.82 -10.59 -14.36
N LEU C 27 -24.47 -9.32 -14.11
CA LEU C 27 -24.73 -8.24 -15.06
C LEU C 27 -23.42 -7.57 -15.46
N GLN C 28 -23.36 -7.06 -16.69
CA GLN C 28 -22.18 -6.33 -17.11
C GLN C 28 -22.53 -5.28 -18.10
N HIS C 29 -21.68 -4.27 -18.21
CA HIS C 29 -21.91 -3.18 -19.18
C HIS C 29 -23.29 -2.56 -19.08
N CYS C 30 -23.75 -2.28 -17.86
CA CYS C 30 -25.05 -1.63 -17.76
C CYS C 30 -25.12 -0.74 -16.52
N ARG C 31 -26.07 0.17 -16.53
CA ARG C 31 -26.33 1.05 -15.40
C ARG C 31 -27.57 0.57 -14.71
N VAL C 32 -27.50 0.39 -13.39
CA VAL C 32 -28.68 -0.02 -12.65
C VAL C 32 -29.25 1.17 -11.99
N LEU C 33 -30.53 1.41 -12.24
CA LEU C 33 -31.15 2.67 -11.79
C LEU C 33 -32.64 2.48 -11.53
N VAL C 34 -33.29 3.55 -11.09
CA VAL C 34 -34.72 3.53 -10.86
C VAL C 34 -35.34 4.57 -11.80
N ASN C 35 -36.29 4.13 -12.63
CA ASN C 35 -37.07 5.04 -13.44
C ASN C 35 -38.50 4.65 -13.58
N GLY C 36 -39.42 5.60 -13.35
CA GLY C 36 -40.85 5.28 -13.43
C GLY C 36 -41.29 4.20 -12.45
N GLY C 37 -40.73 4.25 -11.24
CA GLY C 37 -41.07 3.29 -10.19
C GLY C 37 -40.42 1.92 -10.26
N ARG C 38 -39.77 1.62 -11.39
CA ARG C 38 -39.09 0.33 -11.59
C ARG C 38 -37.57 0.39 -11.38
N VAL C 39 -37.04 -0.70 -10.82
CA VAL C 39 -35.61 -0.93 -10.89
C VAL C 39 -35.34 -1.48 -12.26
N GLU C 40 -34.47 -0.76 -12.98
CA GLU C 40 -34.11 -1.13 -14.34
C GLU C 40 -32.63 -1.22 -14.61
N TYR C 41 -32.26 -2.07 -15.56
CA TYR C 41 -30.89 -2.07 -15.98
C TYR C 41 -30.78 -1.80 -17.47
N VAL C 42 -29.95 -0.79 -17.76
CA VAL C 42 -29.76 -0.20 -19.06
C VAL C 42 -28.38 -0.57 -19.66
N THR C 43 -28.37 -1.54 -20.61
CA THR C 43 -27.16 -2.02 -21.30
C THR C 43 -26.55 -0.98 -22.27
N ASP C 44 -25.21 -0.90 -22.26
CA ASP C 44 -24.39 -0.11 -23.19
C ASP C 44 -24.77 -0.41 -24.63
N GLU C 45 -24.79 0.59 -25.53
CA GLU C 45 -25.18 0.30 -26.91
C GLU C 45 -24.30 -0.74 -27.63
N GLY C 46 -23.12 -1.00 -27.09
CA GLY C 46 -22.30 -2.07 -27.67
C GLY C 46 -22.83 -3.49 -27.52
N ARG C 47 -23.39 -4.24 -26.34
CA ARG C 47 -23.95 -5.54 -25.92
C ARG C 47 -25.41 -5.82 -26.31
N TRP C 52 -32.67 -10.44 -20.40
CA TRP C 52 -33.61 -11.30 -19.73
C TRP C 52 -33.92 -10.66 -18.40
N ASN C 53 -35.19 -10.65 -18.01
CA ASN C 53 -35.55 -10.11 -16.71
C ASN C 53 -35.12 -10.93 -15.53
N ILE C 54 -34.80 -10.23 -14.46
CA ILE C 54 -34.36 -10.83 -13.23
C ILE C 54 -35.41 -10.59 -12.15
N PRO C 55 -35.74 -11.61 -11.38
CA PRO C 55 -36.77 -11.52 -10.34
C PRO C 55 -36.18 -10.92 -9.09
N ILE C 56 -36.86 -9.94 -8.53
CA ILE C 56 -36.37 -9.30 -7.35
C ILE C 56 -37.07 -9.92 -6.15
N ALA C 57 -36.47 -10.95 -5.54
CA ALA C 57 -37.10 -11.59 -4.37
C ALA C 57 -36.08 -11.82 -3.30
N ASN C 58 -36.49 -12.18 -2.09
CA ASN C 58 -35.45 -12.44 -1.08
C ASN C 58 -34.48 -13.62 -1.36
N THR C 59 -34.67 -14.34 -2.44
CA THR C 59 -33.76 -15.42 -2.77
C THR C 59 -32.77 -15.06 -3.87
N THR C 60 -33.01 -13.93 -4.54
CA THR C 60 -32.07 -13.38 -5.48
C THR C 60 -30.71 -12.94 -4.92
N SER C 61 -29.66 -13.21 -5.69
CA SER C 61 -28.34 -12.67 -5.53
C SER C 61 -27.97 -11.98 -6.84
N LEU C 62 -27.29 -10.85 -6.73
CA LEU C 62 -26.93 -10.08 -7.91
C LEU C 62 -25.46 -9.68 -7.87
N LEU C 63 -24.74 -10.00 -8.94
CA LEU C 63 -23.35 -9.60 -9.10
C LEU C 63 -23.21 -8.63 -10.27
N LEU C 64 -22.57 -7.51 -9.96
CA LEU C 64 -22.33 -6.43 -10.89
C LEU C 64 -20.85 -6.48 -11.29
N GLY C 65 -20.62 -6.72 -12.57
CA GLY C 65 -19.29 -6.95 -13.09
C GLY C 65 -18.87 -5.82 -13.99
N THR C 66 -18.06 -6.15 -14.99
CA THR C 66 -17.41 -5.16 -15.82
C THR C 66 -18.37 -4.11 -16.33
N GLY C 67 -17.96 -2.83 -16.21
CA GLY C 67 -18.69 -1.72 -16.80
C GLY C 67 -20.11 -1.53 -16.31
N THR C 68 -20.35 -1.89 -15.06
CA THR C 68 -21.62 -1.63 -14.41
C THR C 68 -21.52 -0.44 -13.44
N SER C 69 -22.69 0.07 -13.06
CA SER C 69 -22.81 1.02 -11.99
C SER C 69 -24.18 0.89 -11.35
N ILE C 70 -24.36 1.43 -10.18
CA ILE C 70 -25.66 1.41 -9.55
C ILE C 70 -25.94 2.68 -8.78
N THR C 71 -27.21 3.05 -8.63
CA THR C 71 -27.51 4.26 -7.93
C THR C 71 -27.95 3.87 -6.55
N GLN C 72 -27.94 4.83 -5.62
CA GLN C 72 -28.42 4.58 -4.27
C GLN C 72 -29.92 4.20 -4.31
N ALA C 73 -30.71 4.85 -5.16
CA ALA C 73 -32.14 4.49 -5.22
C ALA C 73 -32.37 3.02 -5.66
N ALA C 74 -31.55 2.48 -6.56
CA ALA C 74 -31.70 1.06 -6.91
C ALA C 74 -31.29 0.18 -5.75
N MSE C 75 -30.17 0.53 -5.13
CA MSE C 75 -29.62 -0.26 -4.02
C MSE C 75 -30.70 -0.36 -2.94
O MSE C 75 -30.92 -1.43 -2.38
CB MSE C 75 -28.28 0.30 -3.46
CG MSE C 75 -27.06 -0.38 -4.01
SE MSE C 75 -26.93 -2.30 -3.46
CE MSE C 75 -27.88 -2.18 -1.76
N ARG C 76 -31.36 0.74 -2.69
CA ARG C 76 -32.43 0.80 -1.77
C ARG C 76 -33.48 -0.20 -2.11
N GLU C 77 -33.85 -0.27 -3.38
CA GLU C 77 -34.97 -1.14 -3.72
C GLU C 77 -34.57 -2.60 -3.65
N LEU C 78 -33.31 -2.90 -3.95
CA LEU C 78 -32.86 -4.28 -3.93
C LEU C 78 -32.70 -4.73 -2.48
N ALA C 79 -32.10 -3.86 -1.66
CA ALA C 79 -31.93 -4.19 -0.24
C ALA C 79 -33.30 -4.42 0.40
N ARG C 80 -34.22 -3.49 0.21
CA ARG C 80 -35.59 -3.62 0.72
C ARG C 80 -36.21 -4.96 0.31
N ALA C 81 -35.97 -5.39 -0.93
CA ALA C 81 -36.62 -6.61 -1.42
C ALA C 81 -35.83 -7.87 -1.10
N GLY C 82 -34.80 -7.73 -0.26
CA GLY C 82 -33.95 -8.85 0.13
C GLY C 82 -32.99 -9.39 -0.91
N VAL C 83 -32.68 -8.63 -1.97
CA VAL C 83 -31.63 -9.04 -2.91
C VAL C 83 -30.22 -8.76 -2.40
N LEU C 84 -29.39 -9.79 -2.23
CA LEU C 84 -27.96 -9.62 -1.89
C LEU C 84 -27.18 -9.14 -3.10
N VAL C 85 -26.34 -8.13 -2.93
CA VAL C 85 -25.66 -7.48 -4.07
C VAL C 85 -24.15 -7.55 -3.89
N GLY C 86 -23.45 -7.82 -4.96
CA GLY C 86 -22.01 -7.80 -4.93
C GLY C 86 -21.46 -7.23 -6.24
N PHE C 87 -20.17 -6.92 -6.21
CA PHE C 87 -19.41 -6.49 -7.37
C PHE C 87 -18.29 -7.48 -7.60
N CYS C 88 -18.02 -7.78 -8.85
CA CYS C 88 -17.03 -8.80 -9.15
C CYS C 88 -16.37 -8.44 -10.44
N GLY C 89 -15.28 -9.14 -10.74
CA GLY C 89 -14.58 -8.96 -12.01
C GLY C 89 -15.31 -9.53 -13.22
N GLY C 90 -14.66 -9.47 -14.37
CA GLY C 90 -15.24 -10.00 -15.61
C GLY C 90 -15.60 -11.48 -15.49
N GLY C 91 -16.85 -11.81 -15.80
CA GLY C 91 -17.28 -13.19 -15.73
C GLY C 91 -17.57 -13.69 -14.34
N GLY C 92 -17.53 -12.83 -13.31
CA GLY C 92 -17.97 -13.25 -11.98
C GLY C 92 -16.85 -13.57 -11.00
N THR C 93 -15.66 -13.08 -11.30
CA THR C 93 -14.49 -13.35 -10.47
C THR C 93 -13.44 -12.33 -10.81
N PRO C 94 -12.70 -11.85 -9.79
CA PRO C 94 -12.94 -12.17 -8.37
C PRO C 94 -14.22 -11.55 -7.82
N LEU C 95 -14.58 -11.91 -6.61
CA LEU C 95 -15.63 -11.19 -5.88
C LEU C 95 -15.02 -10.00 -5.11
N PHE C 96 -15.31 -8.78 -5.50
CA PHE C 96 -14.62 -7.62 -4.84
C PHE C 96 -15.24 -7.25 -3.50
N SER C 97 -16.54 -7.12 -3.48
CA SER C 97 -17.16 -6.59 -2.32
C SER C 97 -18.61 -7.00 -2.42
N ALA C 98 -19.27 -7.19 -1.28
CA ALA C 98 -20.62 -7.76 -1.28
C ALA C 98 -21.40 -7.41 -0.04
N ASN C 99 -22.74 -7.45 -0.12
CA ASN C 99 -23.54 -7.37 1.11
C ASN C 99 -23.32 -8.55 2.10
N GLU C 100 -23.15 -8.20 3.37
CA GLU C 100 -23.24 -9.14 4.48
C GLU C 100 -24.57 -9.93 4.42
N VAL C 101 -24.48 -11.23 4.47
CA VAL C 101 -25.62 -12.10 4.51
C VAL C 101 -26.21 -12.20 5.90
N ASP C 102 -27.53 -12.02 6.04
CA ASP C 102 -28.18 -12.05 7.37
C ASP C 102 -28.03 -13.38 8.10
N VAL C 103 -27.41 -13.35 9.23
CA VAL C 103 -27.18 -14.54 9.99
C VAL C 103 -28.47 -15.20 10.44
N GLU C 104 -28.64 -16.45 10.03
CA GLU C 104 -29.86 -17.17 10.35
C GLU C 104 -29.63 -18.57 10.91
N THR C 117 -32.79 -22.77 6.81
CA THR C 117 -32.35 -21.86 5.74
C THR C 117 -31.12 -21.07 6.17
N GLU C 118 -30.40 -21.55 7.20
CA GLU C 118 -29.10 -20.95 7.39
C GLU C 118 -27.99 -21.93 7.78
N TYR C 119 -27.04 -21.91 6.87
CA TYR C 119 -25.91 -22.76 6.84
C TYR C 119 -24.89 -22.47 7.90
N LEU C 120 -24.93 -21.26 8.45
CA LEU C 120 -23.93 -20.85 9.41
C LEU C 120 -24.06 -21.60 10.74
N GLN C 121 -25.29 -21.67 11.27
CA GLN C 121 -25.52 -22.35 12.54
C GLN C 121 -25.09 -23.80 12.39
N ARG C 122 -25.52 -24.41 11.25
CA ARG C 122 -25.17 -25.81 11.02
C ARG C 122 -23.69 -25.92 10.86
N TRP C 123 -23.10 -24.97 10.12
CA TRP C 123 -21.67 -25.10 9.85
C TRP C 123 -20.93 -25.12 11.19
N VAL C 124 -21.26 -24.15 12.02
CA VAL C 124 -20.53 -23.93 13.25
C VAL C 124 -20.87 -25.07 14.15
N GLY C 125 -22.14 -25.48 14.12
CA GLY C 125 -22.60 -26.74 14.72
C GLY C 125 -21.70 -27.98 14.59
N PHE C 126 -20.92 -28.12 13.52
CA PHE C 126 -19.99 -29.27 13.42
C PHE C 126 -18.54 -28.86 13.46
N TRP C 127 -18.25 -27.62 13.06
CA TRP C 127 -16.88 -27.20 12.80
C TRP C 127 -15.88 -27.44 13.93
N PHE C 128 -16.32 -27.27 15.18
CA PHE C 128 -15.43 -27.43 16.35
C PHE C 128 -15.15 -28.91 16.74
N ASP C 129 -15.90 -29.83 16.18
CA ASP C 129 -15.66 -31.25 16.41
C ASP C 129 -14.72 -31.71 15.31
N GLU C 130 -13.46 -31.89 15.67
CA GLU C 130 -12.48 -32.18 14.62
C GLU C 130 -12.83 -33.45 13.79
N GLU C 131 -13.48 -34.43 14.42
CA GLU C 131 -13.90 -35.61 13.67
C GLU C 131 -14.95 -35.27 12.61
N LYS C 132 -15.93 -34.41 12.96
CA LYS C 132 -16.92 -33.95 11.97
C LYS C 132 -16.31 -33.12 10.82
N ARG C 133 -15.22 -32.45 11.13
CA ARG C 133 -14.56 -31.57 10.18
C ARG C 133 -13.88 -32.47 9.14
N LEU C 134 -13.29 -33.56 9.62
CA LEU C 134 -12.73 -34.57 8.76
C LEU C 134 -13.79 -35.24 7.88
N VAL C 135 -14.93 -35.62 8.46
CA VAL C 135 -16.04 -36.05 7.64
C VAL C 135 -16.32 -35.03 6.51
N ALA C 136 -16.34 -33.74 6.82
CA ALA C 136 -16.59 -32.74 5.77
C ALA C 136 -15.50 -32.78 4.71
N ALA C 137 -14.27 -32.75 5.19
CA ALA C 137 -13.08 -32.79 4.34
C ALA C 137 -13.05 -34.03 3.44
N ARG C 138 -13.48 -35.18 3.97
CA ARG C 138 -13.49 -36.42 3.17
C ARG C 138 -14.52 -36.27 2.07
N HIS C 139 -15.67 -35.71 2.39
CA HIS C 139 -16.68 -35.52 1.35
C HIS C 139 -16.19 -34.56 0.23
N PHE C 140 -15.49 -33.46 0.61
CA PHE C 140 -14.93 -32.56 -0.42
C PHE C 140 -13.98 -33.31 -1.38
N GLN C 141 -13.12 -34.15 -0.82
CA GLN C 141 -12.19 -34.95 -1.65
C GLN C 141 -12.91 -35.91 -2.56
N ARG C 142 -13.92 -36.63 -2.07
CA ARG C 142 -14.71 -37.51 -2.99
C ARG C 142 -15.34 -36.68 -4.12
N ALA C 143 -15.88 -35.51 -3.73
CA ALA C 143 -16.55 -34.65 -4.68
C ALA C 143 -15.58 -34.19 -5.75
N ARG C 144 -14.42 -33.73 -5.30
CA ARG C 144 -13.33 -33.33 -6.21
C ARG C 144 -12.87 -34.50 -7.15
N LEU C 145 -12.71 -35.72 -6.61
CA LEU C 145 -12.34 -36.86 -7.47
C LEU C 145 -13.40 -37.13 -8.53
N GLU C 146 -14.66 -37.01 -8.17
CA GLU C 146 -15.69 -37.28 -9.14
C GLU C 146 -15.67 -36.24 -10.25
N ARG C 147 -15.35 -35.00 -9.87
CA ARG C 147 -15.30 -33.94 -10.85
C ARG C 147 -14.15 -34.23 -11.82
N ILE C 148 -13.01 -34.64 -11.30
CA ILE C 148 -11.91 -35.01 -12.17
C ILE C 148 -12.33 -36.14 -13.19
N ARG C 149 -12.90 -37.22 -12.68
CA ARG C 149 -13.33 -38.32 -13.54
C ARG C 149 -14.31 -37.79 -14.57
N HIS C 150 -15.33 -37.07 -14.14
CA HIS C 150 -16.26 -36.53 -15.11
C HIS C 150 -15.56 -35.75 -16.26
N SER C 151 -14.80 -34.72 -15.92
CA SER C 151 -14.22 -33.82 -16.93
C SER C 151 -13.10 -34.38 -17.80
N TRP C 152 -12.22 -35.15 -17.22
CA TRP C 152 -11.13 -35.67 -17.97
C TRP C 152 -11.54 -36.83 -18.88
N LEU C 153 -12.48 -37.64 -18.43
CA LEU C 153 -12.88 -38.86 -19.11
C LEU C 153 -14.20 -38.82 -19.81
N GLU C 154 -15.23 -39.02 -19.02
CA GLU C 154 -16.65 -39.06 -19.39
C GLU C 154 -17.06 -37.96 -20.33
N ASP C 155 -16.81 -36.70 -19.93
CA ASP C 155 -17.11 -35.56 -20.79
C ASP C 155 -15.97 -35.27 -21.76
N ARG C 156 -16.35 -34.93 -22.98
CA ARG C 156 -15.43 -34.93 -24.09
C ARG C 156 -15.01 -33.53 -24.59
N VAL C 157 -15.56 -32.48 -24.01
CA VAL C 157 -15.15 -31.13 -24.43
C VAL C 157 -13.62 -31.00 -24.43
N LEU C 158 -13.04 -31.37 -23.31
CA LEU C 158 -11.60 -31.22 -23.08
C LEU C 158 -10.85 -32.04 -24.11
N ARG C 159 -11.24 -33.31 -24.19
CA ARG C 159 -10.77 -34.25 -25.22
C ARG C 159 -10.76 -33.58 -26.56
N ASP C 160 -11.94 -33.17 -27.01
CA ASP C 160 -12.04 -32.54 -28.32
C ASP C 160 -11.02 -31.42 -28.56
N ALA C 161 -10.74 -30.62 -27.52
CA ALA C 161 -9.77 -29.52 -27.60
C ALA C 161 -8.31 -29.96 -27.64
N GLY C 162 -8.05 -31.28 -27.59
CA GLY C 162 -6.68 -31.79 -27.66
C GLY C 162 -6.13 -32.22 -26.33
N PHE C 163 -7.02 -32.37 -25.36
CA PHE C 163 -6.60 -32.93 -24.09
C PHE C 163 -6.55 -34.46 -24.20
N ALA C 164 -5.45 -34.98 -24.76
CA ALA C 164 -5.39 -36.42 -25.07
C ALA C 164 -4.83 -37.18 -23.90
N VAL C 165 -5.65 -37.33 -22.88
CA VAL C 165 -5.19 -37.94 -21.69
C VAL C 165 -5.36 -39.47 -21.72
N ASP C 166 -4.36 -40.16 -21.23
CA ASP C 166 -4.42 -41.59 -21.06
C ASP C 166 -5.59 -41.97 -20.20
N ALA C 167 -6.70 -42.31 -20.81
CA ALA C 167 -7.91 -42.58 -20.03
C ALA C 167 -7.66 -43.62 -18.95
N THR C 168 -6.79 -44.57 -19.25
CA THR C 168 -6.56 -45.71 -18.35
C THR C 168 -5.73 -45.36 -17.12
N ALA C 169 -4.59 -44.71 -17.36
CA ALA C 169 -3.78 -44.15 -16.28
C ALA C 169 -4.62 -43.16 -15.40
N LEU C 170 -5.54 -42.43 -16.01
CA LEU C 170 -6.30 -41.46 -15.23
C LEU C 170 -7.24 -42.18 -14.27
N ALA C 171 -8.04 -43.12 -14.79
CA ALA C 171 -8.88 -43.96 -13.91
C ALA C 171 -8.09 -44.70 -12.81
N VAL C 172 -6.91 -45.22 -13.12
CA VAL C 172 -6.10 -45.84 -12.08
C VAL C 172 -5.74 -44.83 -10.98
N ALA C 173 -5.26 -43.66 -11.38
CA ALA C 173 -4.93 -42.56 -10.46
C ALA C 173 -6.07 -42.14 -9.54
N VAL C 174 -7.24 -41.92 -10.12
CA VAL C 174 -8.42 -41.54 -9.35
C VAL C 174 -8.78 -42.65 -8.34
N GLU C 175 -8.93 -43.89 -8.84
CA GLU C 175 -9.25 -45.03 -7.97
C GLU C 175 -8.25 -45.23 -6.84
N ASP C 176 -6.96 -45.16 -7.17
CA ASP C 176 -5.90 -45.29 -6.17
C ASP C 176 -5.96 -44.20 -5.10
N SER C 177 -6.05 -42.95 -5.54
CA SER C 177 -6.15 -41.87 -4.56
C SER C 177 -7.40 -42.00 -3.73
N ALA C 178 -8.55 -42.26 -4.38
CA ALA C 178 -9.80 -42.41 -3.64
C ALA C 178 -9.60 -43.40 -2.50
N ARG C 179 -9.02 -44.56 -2.84
CA ARG C 179 -8.76 -45.59 -1.86
C ARG C 179 -7.79 -45.08 -0.81
N ALA C 180 -6.74 -44.41 -1.25
CA ALA C 180 -5.74 -43.85 -0.32
C ALA C 180 -6.35 -42.76 0.58
N LEU C 181 -7.20 -41.91 0.02
CA LEU C 181 -7.89 -40.92 0.83
C LEU C 181 -8.78 -41.58 1.86
N GLU C 182 -9.54 -42.62 1.48
CA GLU C 182 -10.40 -43.27 2.48
C GLU C 182 -9.58 -43.88 3.62
N GLN C 183 -8.41 -44.43 3.27
CA GLN C 183 -7.48 -44.97 4.27
C GLN C 183 -6.74 -43.96 5.17
N ALA C 184 -6.68 -42.67 4.82
CA ALA C 184 -5.97 -41.73 5.70
C ALA C 184 -6.74 -41.51 7.02
N PRO C 185 -6.03 -41.45 8.15
CA PRO C 185 -6.68 -41.39 9.48
C PRO C 185 -6.99 -39.99 10.04
N ASN C 186 -6.41 -38.94 9.47
CA ASN C 186 -6.65 -37.60 10.01
C ASN C 186 -6.51 -36.57 8.92
N HIS C 187 -6.69 -35.30 9.28
CA HIS C 187 -6.42 -34.21 8.33
C HIS C 187 -5.03 -34.30 7.71
N GLU C 188 -4.00 -34.53 8.51
CA GLU C 188 -2.61 -34.50 8.00
C GLU C 188 -2.48 -35.46 6.84
N HIS C 189 -2.83 -36.69 7.11
CA HIS C 189 -2.73 -37.72 6.09
C HIS C 189 -3.62 -37.47 4.91
N LEU C 190 -4.84 -36.98 5.15
CA LEU C 190 -5.74 -36.61 4.07
C LEU C 190 -5.08 -35.61 3.13
N LEU C 191 -4.50 -34.54 3.72
CA LEU C 191 -3.79 -33.45 2.98
C LEU C 191 -2.59 -33.95 2.16
N THR C 192 -1.74 -34.75 2.80
CA THR C 192 -0.68 -35.46 2.10
C THR C 192 -1.17 -36.19 0.82
N GLU C 193 -2.18 -37.04 0.98
CA GLU C 193 -2.71 -37.83 -0.15
C GLU C 193 -3.30 -36.90 -1.19
N GLU C 194 -3.92 -35.85 -0.69
CA GLU C 194 -4.60 -34.91 -1.54
C GLU C 194 -3.58 -34.24 -2.51
N ALA C 195 -2.45 -33.82 -1.96
CA ALA C 195 -1.36 -33.25 -2.77
C ALA C 195 -0.73 -34.29 -3.70
N ARG C 196 -0.50 -35.51 -3.19
CA ARG C 196 0.00 -36.57 -4.07
C ARG C 196 -0.92 -36.82 -5.28
N LEU C 197 -2.23 -36.69 -5.14
CA LEU C 197 -3.07 -36.82 -6.33
C LEU C 197 -2.84 -35.65 -7.29
N SER C 198 -2.70 -34.44 -6.75
CA SER C 198 -2.51 -33.29 -7.61
C SER C 198 -1.21 -33.44 -8.39
N LYS C 199 -0.17 -33.88 -7.71
CA LYS C 199 1.10 -34.05 -8.40
C LYS C 199 0.94 -34.98 -9.59
N ARG C 200 0.24 -36.09 -9.38
CA ARG C 200 0.16 -37.08 -10.45
C ARG C 200 -0.77 -36.60 -11.55
N LEU C 201 -1.79 -35.79 -11.24
CA LEU C 201 -2.56 -35.17 -12.31
C LEU C 201 -1.74 -34.18 -13.16
N PHE C 202 -0.84 -33.42 -12.53
CA PHE C 202 -0.01 -32.48 -13.31
C PHE C 202 0.77 -33.26 -14.39
N LYS C 203 1.45 -34.31 -13.95
CA LYS C 203 2.19 -35.15 -14.90
C LYS C 203 1.29 -35.73 -15.97
N LEU C 204 0.14 -36.29 -15.59
CA LEU C 204 -0.71 -36.81 -16.64
C LEU C 204 -1.09 -35.72 -17.62
N ALA C 205 -1.30 -34.50 -17.08
CA ALA C 205 -1.73 -33.34 -17.86
C ALA C 205 -0.64 -32.86 -18.82
N ALA C 206 0.58 -32.79 -18.30
CA ALA C 206 1.76 -32.46 -19.13
C ALA C 206 1.91 -33.44 -20.34
N GLN C 207 1.87 -34.75 -20.07
CA GLN C 207 1.97 -35.73 -21.15
C GLN C 207 0.83 -35.64 -22.11
N ALA C 208 -0.38 -35.43 -21.58
CA ALA C 208 -1.55 -35.31 -22.44
C ALA C 208 -1.34 -34.21 -23.46
N THR C 209 -0.50 -33.22 -23.15
CA THR C 209 -0.44 -32.04 -24.00
C THR C 209 0.95 -31.92 -24.61
N ARG C 210 1.77 -32.94 -24.43
CA ARG C 210 3.15 -32.89 -24.94
C ARG C 210 3.85 -31.61 -24.47
N TYR C 211 3.79 -31.36 -23.16
CA TYR C 211 4.36 -30.17 -22.57
C TYR C 211 5.81 -30.39 -22.22
N GLY C 212 6.23 -31.64 -22.06
CA GLY C 212 7.58 -31.89 -21.58
C GLY C 212 7.67 -31.85 -20.07
N GLU C 213 8.88 -31.76 -19.54
CA GLU C 213 9.09 -31.78 -18.09
C GLU C 213 8.19 -30.70 -17.46
N PHE C 214 7.47 -31.06 -16.39
CA PHE C 214 6.76 -30.06 -15.58
C PHE C 214 7.04 -30.25 -14.08
N VAL C 215 7.29 -29.15 -13.39
CA VAL C 215 7.38 -29.20 -11.94
C VAL C 215 6.60 -28.02 -11.41
N ARG C 216 5.61 -28.27 -10.57
CA ARG C 216 4.80 -27.22 -9.98
C ARG C 216 5.63 -26.25 -9.18
N ALA C 217 5.57 -24.97 -9.52
CA ALA C 217 6.33 -23.97 -8.78
C ALA C 217 5.41 -23.38 -7.74
N LYS C 218 5.83 -23.47 -6.49
CA LYS C 218 5.02 -23.01 -5.38
C LYS C 218 5.00 -21.51 -5.32
N ARG C 219 3.82 -20.94 -5.10
CA ARG C 219 3.69 -19.55 -4.68
C ARG C 219 4.07 -18.52 -5.73
N GLY C 220 3.50 -18.62 -6.94
CA GLY C 220 3.69 -17.62 -7.98
C GLY C 220 5.14 -17.43 -8.39
N SER C 221 5.99 -18.39 -8.08
CA SER C 221 7.37 -18.25 -8.39
C SER C 221 7.74 -18.96 -9.66
N GLY C 222 6.76 -19.49 -10.39
CA GLY C 222 7.09 -20.17 -11.64
C GLY C 222 7.01 -19.28 -12.87
N GLY C 223 7.94 -19.43 -13.80
CA GLY C 223 7.91 -18.64 -15.04
C GLY C 223 7.39 -19.31 -16.31
N ASP C 224 7.32 -20.63 -16.30
CA ASP C 224 6.84 -21.34 -17.49
C ASP C 224 5.32 -21.21 -17.58
N PRO C 225 4.76 -21.26 -18.81
CA PRO C 225 3.34 -20.93 -19.02
C PRO C 225 2.35 -21.83 -18.27
N ALA C 226 2.63 -23.13 -18.08
CA ALA C 226 1.67 -23.93 -17.31
C ALA C 226 1.59 -23.48 -15.85
N ASN C 227 2.76 -23.27 -15.22
CA ASN C 227 2.81 -22.71 -13.88
C ASN C 227 2.07 -21.38 -13.79
N ARG C 228 2.26 -20.50 -14.79
CA ARG C 228 1.62 -19.19 -14.73
CA ARG C 228 1.63 -19.16 -14.80
C ARG C 228 0.11 -19.31 -14.88
N PHE C 229 -0.33 -20.12 -15.84
CA PHE C 229 -1.75 -20.31 -16.02
C PHE C 229 -2.41 -21.01 -14.79
N LEU C 230 -1.76 -22.01 -14.20
CA LEU C 230 -2.29 -22.58 -12.97
C LEU C 230 -2.46 -21.50 -11.85
N ASP C 231 -1.48 -20.60 -11.71
CA ASP C 231 -1.62 -19.50 -10.72
C ASP C 231 -2.84 -18.62 -10.98
N HIS C 232 -3.00 -18.20 -12.23
CA HIS C 232 -4.08 -17.32 -12.67
C HIS C 232 -5.39 -18.08 -12.55
N GLY C 233 -5.42 -19.33 -13.00
CA GLY C 233 -6.61 -20.16 -12.93
C GLY C 233 -7.12 -20.35 -11.50
N ASN C 234 -6.23 -20.64 -10.59
CA ASN C 234 -6.66 -20.73 -9.23
C ASN C 234 -7.22 -19.41 -8.67
N TYR C 235 -6.59 -18.31 -9.06
CA TYR C 235 -7.08 -16.99 -8.68
C TYR C 235 -8.54 -16.82 -9.16
N LEU C 236 -8.83 -17.17 -10.42
CA LEU C 236 -10.20 -17.13 -10.91
C LEU C 236 -11.13 -18.06 -10.16
N ALA C 237 -10.63 -19.22 -9.78
CA ALA C 237 -11.42 -20.19 -9.01
C ALA C 237 -11.77 -19.69 -7.59
N TYR C 238 -10.80 -19.08 -6.90
CA TYR C 238 -11.05 -18.36 -5.62
C TYR C 238 -12.22 -17.40 -5.69
N GLY C 239 -12.28 -16.62 -6.78
CA GLY C 239 -13.39 -15.72 -7.02
C GLY C 239 -14.74 -16.40 -6.98
N LEU C 240 -14.84 -17.56 -7.62
CA LEU C 240 -16.10 -18.30 -7.65
C LEU C 240 -16.41 -18.89 -6.29
N ALA C 241 -15.40 -19.49 -5.65
CA ALA C 241 -15.56 -20.08 -4.33
C ALA C 241 -16.05 -19.02 -3.35
N ALA C 242 -15.43 -17.85 -3.40
CA ALA C 242 -15.84 -16.73 -2.52
C ALA C 242 -17.31 -16.38 -2.70
N THR C 243 -17.79 -16.47 -3.94
CA THR C 243 -19.19 -16.22 -4.23
C THR C 243 -20.07 -17.30 -3.60
N ALA C 244 -19.62 -18.56 -3.68
CA ALA C 244 -20.43 -19.66 -3.13
C ALA C 244 -20.58 -19.53 -1.62
N THR C 245 -19.50 -19.21 -0.92
CA THR C 245 -19.58 -19.07 0.55
C THR C 245 -20.40 -17.83 0.93
N TRP C 246 -20.20 -16.74 0.21
CA TRP C 246 -21.02 -15.51 0.39
C TRP C 246 -22.51 -15.81 0.28
N VAL C 247 -22.95 -16.53 -0.75
CA VAL C 247 -24.40 -16.73 -0.86
C VAL C 247 -24.98 -17.56 0.28
N LEU C 248 -24.15 -18.36 0.93
CA LEU C 248 -24.67 -19.27 1.93
C LEU C 248 -24.45 -18.70 3.28
N GLY C 249 -23.82 -17.53 3.33
CA GLY C 249 -23.55 -16.91 4.60
C GLY C 249 -22.42 -17.59 5.35
N ILE C 250 -21.52 -18.27 4.67
CA ILE C 250 -20.46 -18.93 5.44
C ILE C 250 -19.09 -18.21 5.40
N PRO C 251 -18.56 -17.86 6.59
CA PRO C 251 -17.28 -17.12 6.73
C PRO C 251 -16.11 -17.93 6.24
N HIS C 252 -15.15 -17.22 5.68
CA HIS C 252 -14.04 -17.77 4.98
C HIS C 252 -13.16 -18.48 5.95
N GLY C 253 -13.26 -18.11 7.21
CA GLY C 253 -12.39 -18.61 8.24
C GLY C 253 -12.76 -19.95 8.86
N LEU C 254 -13.73 -20.65 8.31
CA LEU C 254 -14.12 -21.92 8.85
C LEU C 254 -13.84 -23.04 7.86
N ALA C 255 -12.58 -23.30 7.59
CA ALA C 255 -12.20 -24.26 6.53
C ALA C 255 -12.41 -25.70 7.04
N VAL C 256 -12.65 -26.65 6.14
CA VAL C 256 -12.81 -28.02 6.58
C VAL C 256 -11.53 -28.81 6.33
N LEU C 257 -10.70 -28.35 5.40
CA LEU C 257 -9.48 -29.07 5.02
C LEU C 257 -8.18 -28.33 5.34
N HIS C 258 -8.08 -27.11 4.83
CA HIS C 258 -6.98 -26.21 5.18
C HIS C 258 -6.87 -25.93 6.71
N GLY C 259 -5.72 -25.48 7.15
CA GLY C 259 -5.48 -25.28 8.59
C GLY C 259 -6.40 -24.19 9.13
N LYS C 260 -6.73 -24.27 10.43
CA LYS C 260 -7.56 -23.31 11.11
C LYS C 260 -7.05 -21.87 11.06
N THR C 261 -5.73 -21.70 11.00
CA THR C 261 -5.14 -20.36 10.97
C THR C 261 -5.03 -19.79 9.53
N ARG C 262 -5.37 -20.56 8.52
CA ARG C 262 -5.15 -20.05 7.17
C ARG C 262 -6.26 -19.09 6.74
N ARG C 263 -5.88 -17.87 6.49
CA ARG C 263 -6.78 -16.84 5.99
C ARG C 263 -7.39 -17.21 4.63
N GLY C 264 -8.71 -17.13 4.47
CA GLY C 264 -9.35 -17.51 3.22
C GLY C 264 -9.47 -19.04 3.07
N GLY C 265 -9.19 -19.76 4.16
CA GLY C 265 -9.18 -21.21 4.13
C GLY C 265 -10.33 -21.95 3.45
N LEU C 266 -11.56 -21.65 3.84
CA LEU C 266 -12.74 -22.29 3.25
C LEU C 266 -12.89 -22.01 1.74
N VAL C 267 -12.47 -20.81 1.31
CA VAL C 267 -12.44 -20.42 -0.11
C VAL C 267 -11.51 -21.36 -0.91
N PHE C 268 -10.31 -21.55 -0.39
CA PHE C 268 -9.36 -22.52 -0.93
C PHE C 268 -9.92 -23.94 -0.94
N ASP C 269 -10.58 -24.36 0.14
CA ASP C 269 -11.26 -25.69 0.16
C ASP C 269 -12.29 -25.82 -0.98
N VAL C 270 -13.05 -24.74 -1.16
CA VAL C 270 -14.14 -24.77 -2.11
C VAL C 270 -13.58 -24.72 -3.55
N ALA C 271 -12.57 -23.87 -3.75
CA ALA C 271 -11.92 -23.79 -5.06
C ALA C 271 -11.32 -25.17 -5.44
N ASP C 272 -10.79 -25.91 -4.45
CA ASP C 272 -10.22 -27.24 -4.65
C ASP C 272 -11.20 -28.24 -5.30
N LEU C 273 -12.51 -27.96 -5.19
CA LEU C 273 -13.50 -28.85 -5.79
C LEU C 273 -13.36 -28.93 -7.32
N ILE C 274 -12.84 -27.88 -7.95
CA ILE C 274 -12.80 -27.83 -9.39
C ILE C 274 -11.44 -27.43 -9.98
N LYS C 275 -10.46 -27.20 -9.11
CA LYS C 275 -9.12 -26.87 -9.55
C LYS C 275 -8.57 -27.90 -10.55
N ASP C 276 -8.35 -29.11 -10.06
CA ASP C 276 -7.85 -30.20 -10.88
C ASP C 276 -8.81 -30.63 -11.99
N SER C 277 -10.11 -30.47 -11.84
CA SER C 277 -10.98 -30.97 -12.89
C SER C 277 -11.03 -30.04 -14.09
N LEU C 278 -10.91 -28.74 -13.86
CA LEU C 278 -11.18 -27.75 -14.91
C LEU C 278 -10.00 -26.80 -15.20
N ILE C 279 -9.33 -26.34 -14.15
CA ILE C 279 -8.33 -25.30 -14.30
C ILE C 279 -7.07 -25.98 -14.81
N LEU C 280 -6.76 -27.13 -14.21
CA LEU C 280 -5.52 -27.84 -14.51
C LEU C 280 -5.46 -28.22 -16.02
N PRO C 281 -6.50 -28.87 -16.57
CA PRO C 281 -6.27 -29.16 -17.99
C PRO C 281 -6.22 -27.88 -18.90
N GLN C 282 -7.13 -26.91 -18.68
CA GLN C 282 -7.09 -25.67 -19.46
C GLN C 282 -5.71 -24.99 -19.40
N ALA C 283 -5.02 -25.11 -18.29
CA ALA C 283 -3.74 -24.46 -18.21
C ALA C 283 -2.74 -25.10 -19.15
N PHE C 284 -2.77 -26.42 -19.26
CA PHE C 284 -1.86 -27.12 -20.17
C PHE C 284 -2.31 -26.96 -21.59
N LEU C 285 -3.61 -26.94 -21.83
CA LEU C 285 -4.10 -26.65 -23.17
C LEU C 285 -3.74 -25.24 -23.65
N SER C 286 -3.83 -24.25 -22.76
CA SER C 286 -3.55 -22.88 -23.17
C SER C 286 -2.06 -22.76 -23.54
N ALA C 287 -1.21 -23.35 -22.71
CA ALA C 287 0.21 -23.31 -22.96
C ALA C 287 0.53 -24.02 -24.30
N MSE C 288 -0.06 -25.19 -24.52
CA MSE C 288 0.13 -25.95 -25.77
C MSE C 288 -0.27 -25.12 -27.00
O MSE C 288 0.44 -25.12 -28.01
CB MSE C 288 -0.64 -27.29 -25.69
CG MSE C 288 -0.92 -28.01 -27.01
SE MSE C 288 -2.02 -29.70 -26.86
CE MSE C 288 -3.75 -28.99 -27.47
N ARG C 289 -1.40 -24.40 -26.91
CA ARG C 289 -1.93 -23.61 -28.00
C ARG C 289 -1.19 -22.30 -28.19
N GLY C 290 -0.30 -21.94 -27.25
CA GLY C 290 0.31 -20.62 -27.22
C GLY C 290 -0.65 -19.45 -26.90
N ASP C 291 -1.59 -19.72 -26.01
CA ASP C 291 -2.55 -18.72 -25.56
C ASP C 291 -1.89 -17.57 -24.81
N GLU C 292 -2.43 -16.37 -24.96
CA GLU C 292 -1.99 -15.29 -24.05
C GLU C 292 -2.84 -15.32 -22.80
N GLU C 293 -2.45 -14.51 -21.82
CA GLU C 293 -3.19 -14.44 -20.54
C GLU C 293 -4.71 -14.44 -20.77
N GLN C 294 -5.22 -13.53 -21.60
CA GLN C 294 -6.68 -13.38 -21.73
C GLN C 294 -7.39 -14.52 -22.45
N ASP C 295 -6.64 -15.26 -23.25
CA ASP C 295 -7.20 -16.41 -23.90
C ASP C 295 -7.44 -17.44 -22.83
N PHE C 296 -6.43 -17.63 -21.99
CA PHE C 296 -6.56 -18.60 -20.92
C PHE C 296 -7.77 -18.25 -20.06
N ARG C 297 -7.90 -16.97 -19.74
CA ARG C 297 -8.89 -16.48 -18.79
C ARG C 297 -10.23 -16.77 -19.33
N GLN C 298 -10.45 -16.45 -20.60
CA GLN C 298 -11.78 -16.61 -21.20
C GLN C 298 -12.09 -18.09 -21.38
N ALA C 299 -11.09 -18.88 -21.72
CA ALA C 299 -11.26 -20.33 -21.78
C ALA C 299 -11.73 -20.85 -20.46
N CYS C 300 -11.20 -20.48 -19.22
CA CYS C 300 -11.63 -20.94 -17.88
C CYS C 300 -13.03 -20.52 -17.58
N LEU C 301 -13.24 -19.21 -17.96
CA LEU C 301 -14.55 -18.72 -17.62
C LEU C 301 -15.56 -19.61 -18.31
N ASP C 302 -15.28 -19.95 -19.58
CA ASP C 302 -16.26 -20.74 -20.36
C ASP C 302 -16.38 -22.16 -19.84
N ASN C 303 -15.26 -22.75 -19.50
CA ASN C 303 -15.28 -24.04 -18.87
C ASN C 303 -16.09 -23.99 -17.57
N LEU C 304 -15.78 -23.03 -16.70
CA LEU C 304 -16.45 -22.89 -15.40
C LEU C 304 -17.97 -22.75 -15.59
N SER C 305 -18.35 -21.95 -16.58
CA SER C 305 -19.76 -21.74 -16.92
C SER C 305 -20.40 -23.00 -17.53
N ARG C 306 -19.74 -23.58 -18.53
CA ARG C 306 -20.24 -24.79 -19.14
C ARG C 306 -20.46 -25.90 -18.10
N ALA C 307 -19.48 -26.14 -17.24
CA ALA C 307 -19.54 -27.23 -16.28
C ALA C 307 -20.36 -26.88 -15.02
N GLN C 308 -20.95 -25.70 -14.99
CA GLN C 308 -21.76 -25.28 -13.83
C GLN C 308 -21.03 -25.43 -12.46
N ALA C 309 -19.77 -25.01 -12.46
CA ALA C 309 -18.87 -25.09 -11.32
C ALA C 309 -19.45 -24.40 -10.07
N LEU C 310 -20.08 -23.25 -10.28
CA LEU C 310 -20.51 -22.48 -9.14
C LEU C 310 -21.64 -23.23 -8.44
N ASP C 311 -22.56 -23.80 -9.20
CA ASP C 311 -23.64 -24.57 -8.64
C ASP C 311 -23.12 -25.79 -7.89
N PHE C 312 -22.08 -26.39 -8.44
CA PHE C 312 -21.51 -27.54 -7.77
C PHE C 312 -20.89 -27.10 -6.40
N MSE C 313 -20.16 -26.00 -6.41
CA MSE C 313 -19.58 -25.53 -5.16
C MSE C 313 -20.68 -25.32 -4.11
O MSE C 313 -20.55 -25.72 -2.94
CB MSE C 313 -18.81 -24.24 -5.40
CG MSE C 313 -17.50 -24.44 -6.09
SE MSE C 313 -16.90 -22.66 -6.70
CE MSE C 313 -15.12 -23.20 -7.17
N ILE C 314 -21.77 -24.72 -4.55
CA ILE C 314 -22.84 -24.37 -3.63
C ILE C 314 -23.54 -25.62 -3.09
N ASP C 315 -23.83 -26.56 -4.01
CA ASP C 315 -24.50 -27.82 -3.70
C ASP C 315 -23.68 -28.63 -2.72
N THR C 316 -22.38 -28.65 -2.94
CA THR C 316 -21.47 -29.38 -2.09
C THR C 316 -21.49 -28.78 -0.69
N LEU C 317 -21.44 -27.43 -0.61
CA LEU C 317 -21.44 -26.75 0.67
C LEU C 317 -22.77 -27.07 1.38
N LYS C 318 -23.87 -27.00 0.66
CA LYS C 318 -25.16 -27.30 1.29
C LYS C 318 -25.24 -28.75 1.83
N ASP C 319 -24.68 -29.69 1.07
CA ASP C 319 -24.78 -31.12 1.36
C ASP C 319 -23.94 -31.40 2.60
N VAL C 320 -22.73 -30.85 2.64
CA VAL C 320 -21.88 -31.02 3.82
C VAL C 320 -22.59 -30.51 5.06
N ALA C 321 -23.31 -29.38 4.94
CA ALA C 321 -23.98 -28.83 6.13
C ALA C 321 -25.14 -29.76 6.51
N GLN C 322 -25.79 -30.33 5.50
CA GLN C 322 -26.90 -31.23 5.72
C GLN C 322 -26.47 -32.52 6.38
N ARG C 323 -25.34 -33.07 5.92
CA ARG C 323 -24.86 -34.39 6.38
C ARG C 323 -23.99 -34.27 7.66
N SER C 324 -24.04 -33.07 8.29
CA SER C 324 -23.18 -32.77 9.44
C SER C 324 -23.89 -33.06 10.76
N THR C 325 -25.16 -32.66 10.81
CA THR C 325 -26.12 -33.18 11.76
C THR C 325 -26.10 -34.73 11.79
N LEU D 13 5.70 25.51 -33.71
CA LEU D 13 6.86 26.35 -34.02
C LEU D 13 7.59 26.69 -32.74
N LYS D 14 8.90 26.51 -32.73
CA LYS D 14 9.68 26.99 -31.59
C LYS D 14 9.66 28.53 -31.63
N THR D 15 9.85 29.15 -30.48
CA THR D 15 9.95 30.61 -30.41
C THR D 15 11.19 31.05 -29.60
N ILE D 16 11.82 30.06 -28.95
CA ILE D 16 13.04 30.33 -28.19
C ILE D 16 14.23 29.41 -28.57
N LEU D 17 15.36 30.02 -28.93
CA LEU D 17 16.62 29.28 -28.87
C LEU D 17 17.22 29.39 -27.46
N HIS D 18 17.25 28.24 -26.80
CA HIS D 18 17.50 28.15 -25.37
C HIS D 18 18.99 28.09 -25.08
N SER D 19 19.49 29.11 -24.39
CA SER D 19 20.83 28.97 -23.83
C SER D 19 20.77 27.97 -22.66
N LYS D 20 21.23 26.74 -22.93
CA LYS D 20 21.25 25.68 -21.95
C LYS D 20 22.20 26.01 -20.79
N ARG D 21 21.80 25.59 -19.59
CA ARG D 21 22.62 25.86 -18.39
C ARG D 21 23.03 24.56 -17.75
N ALA D 22 22.08 23.92 -17.08
CA ALA D 22 22.30 22.59 -16.51
C ALA D 22 22.44 21.57 -17.67
N ASN D 23 23.48 20.73 -17.61
CA ASN D 23 23.69 19.70 -18.66
C ASN D 23 22.88 18.43 -18.51
N LEU D 24 21.58 18.62 -18.56
CA LEU D 24 20.61 17.60 -18.34
C LEU D 24 19.89 17.36 -19.68
N TYR D 25 19.85 16.11 -20.14
CA TYR D 25 19.04 15.79 -21.29
C TYR D 25 17.87 14.85 -20.97
N TYR D 26 16.74 15.09 -21.62
CA TYR D 26 15.57 14.27 -21.48
C TYR D 26 15.47 13.36 -22.73
N LEU D 27 15.17 12.08 -22.49
CA LEU D 27 15.01 11.07 -23.53
C LEU D 27 13.65 10.46 -23.43
N GLN D 28 13.05 10.08 -24.55
CA GLN D 28 11.77 9.40 -24.51
C GLN D 28 11.67 8.51 -25.73
N HIS D 29 10.89 7.43 -25.62
CA HIS D 29 10.67 6.51 -26.75
C HIS D 29 11.89 6.01 -27.42
N CYS D 30 12.81 5.50 -26.63
CA CYS D 30 13.97 4.86 -27.20
C CYS D 30 14.53 3.86 -26.21
N ARG D 31 15.43 3.04 -26.73
CA ARG D 31 16.12 2.07 -25.95
C ARG D 31 17.58 2.45 -25.90
N VAL D 32 18.10 2.55 -24.69
CA VAL D 32 19.46 2.88 -24.46
C VAL D 32 20.24 1.60 -24.21
N LEU D 33 21.26 1.36 -25.03
CA LEU D 33 22.02 0.11 -25.02
C LEU D 33 23.47 0.40 -25.42
N VAL D 34 24.23 -0.65 -25.65
CA VAL D 34 25.64 -0.54 -25.98
C VAL D 34 25.91 -1.45 -27.18
N ASN D 35 26.54 -0.89 -28.21
CA ASN D 35 27.11 -1.62 -29.35
C ASN D 35 28.60 -1.34 -29.42
N GLY D 36 29.40 -2.38 -29.33
CA GLY D 36 30.82 -2.24 -29.43
C GLY D 36 31.34 -1.12 -28.57
N GLY D 37 31.02 -1.18 -27.29
CA GLY D 37 31.61 -0.27 -26.33
C GLY D 37 31.04 1.10 -26.42
N ARG D 38 30.13 1.28 -27.34
CA ARG D 38 29.47 2.59 -27.52
C ARG D 38 27.99 2.67 -27.11
N VAL D 39 27.65 3.66 -26.30
CA VAL D 39 26.28 3.89 -25.89
C VAL D 39 25.49 4.43 -27.05
N GLU D 40 24.39 3.76 -27.37
CA GLU D 40 23.56 4.11 -28.51
C GLU D 40 22.09 4.15 -28.11
N TYR D 41 21.28 4.72 -29.00
CA TYR D 41 19.85 4.89 -28.75
C TYR D 41 19.01 4.43 -29.94
N VAL D 42 18.15 3.46 -29.67
CA VAL D 42 17.51 2.71 -30.71
C VAL D 42 16.01 2.79 -30.58
N THR D 43 15.35 2.84 -31.72
CA THR D 43 13.89 2.84 -31.79
C THR D 43 13.54 1.64 -32.67
N ASP D 44 12.25 1.39 -32.83
CA ASP D 44 11.82 0.35 -33.74
C ASP D 44 12.33 0.51 -35.21
N GLU D 45 12.60 1.75 -35.61
CA GLU D 45 13.09 2.01 -36.97
C GLU D 45 14.57 2.35 -37.06
N GLY D 46 15.41 1.71 -36.24
CA GLY D 46 16.82 1.96 -36.29
C GLY D 46 17.24 3.02 -35.29
N ARG D 47 18.42 3.57 -35.52
CA ARG D 47 19.07 4.58 -34.68
C ARG D 47 18.15 5.77 -34.46
N HIS D 48 18.13 6.25 -33.21
CA HIS D 48 17.35 7.46 -32.89
C HIS D 48 17.99 8.60 -33.65
N SER D 49 17.15 9.52 -34.09
CA SER D 49 17.58 10.67 -34.87
C SER D 49 18.38 11.74 -34.12
N HIS D 50 18.16 11.91 -32.80
CA HIS D 50 18.83 13.00 -32.05
C HIS D 50 19.85 12.53 -31.03
N TYR D 51 19.51 11.46 -30.32
CA TYR D 51 20.18 11.21 -29.04
C TYR D 51 21.73 11.01 -29.11
N TRP D 52 22.21 10.38 -30.19
CA TRP D 52 23.65 10.26 -30.49
C TRP D 52 24.47 11.53 -30.22
N ASN D 53 23.79 12.70 -30.25
CA ASN D 53 24.40 14.00 -30.02
C ASN D 53 24.36 14.57 -28.60
N ILE D 54 23.80 13.82 -27.66
CA ILE D 54 23.99 14.13 -26.24
C ILE D 54 25.40 13.71 -25.83
N PRO D 55 26.13 14.64 -25.22
CA PRO D 55 27.55 14.49 -24.87
C PRO D 55 27.63 13.67 -23.61
N ILE D 56 28.50 12.68 -23.64
CA ILE D 56 28.63 11.78 -22.55
C ILE D 56 29.87 12.10 -21.81
N ALA D 57 29.80 13.13 -20.99
CA ALA D 57 30.90 13.58 -20.12
C ALA D 57 30.45 13.47 -18.66
N ASN D 58 31.39 13.54 -17.71
CA ASN D 58 30.98 13.61 -16.30
C ASN D 58 30.17 14.86 -15.90
N THR D 59 29.82 15.75 -16.83
CA THR D 59 28.90 16.86 -16.47
C THR D 59 27.43 16.63 -16.88
N THR D 60 27.22 15.56 -17.63
CA THR D 60 25.90 15.16 -18.07
C THR D 60 25.03 14.49 -17.01
N SER D 61 23.74 14.74 -17.15
CA SER D 61 22.67 14.17 -16.40
C SER D 61 21.66 13.71 -17.47
N LEU D 62 21.15 12.47 -17.33
CA LEU D 62 20.21 11.88 -18.27
C LEU D 62 18.93 11.54 -17.55
N LEU D 63 17.80 11.99 -18.09
CA LEU D 63 16.49 11.62 -17.60
C LEU D 63 15.77 10.80 -18.65
N LEU D 64 15.40 9.58 -18.22
CA LEU D 64 14.79 8.64 -19.15
C LEU D 64 13.32 8.65 -18.82
N GLY D 65 12.49 9.16 -19.74
CA GLY D 65 11.07 9.31 -19.48
C GLY D 65 10.27 8.29 -20.26
N THR D 66 9.12 8.73 -20.76
CA THR D 66 8.15 7.85 -21.43
C THR D 66 8.70 6.95 -22.51
N GLY D 67 8.37 5.67 -22.38
CA GLY D 67 8.77 4.66 -23.37
C GLY D 67 10.26 4.44 -23.52
N THR D 68 11.00 4.62 -22.45
CA THR D 68 12.41 4.33 -22.50
C THR D 68 12.74 3.01 -21.82
N SER D 69 13.91 2.49 -22.14
CA SER D 69 14.49 1.40 -21.36
C SER D 69 16.00 1.56 -21.38
N ILE D 70 16.69 0.84 -20.52
CA ILE D 70 18.15 0.88 -20.49
C ILE D 70 18.69 -0.50 -20.20
N THR D 71 19.87 -0.83 -20.72
CA THR D 71 20.44 -2.14 -20.39
C THR D 71 21.52 -1.99 -19.29
N GLN D 72 21.96 -3.10 -18.71
CA GLN D 72 23.02 -3.01 -17.72
C GLN D 72 24.33 -2.49 -18.36
N ALA D 73 24.66 -2.95 -19.56
CA ALA D 73 25.89 -2.49 -20.22
C ALA D 73 25.94 -0.96 -20.44
N ALA D 74 24.83 -0.40 -20.88
CA ALA D 74 24.73 1.07 -20.93
C ALA D 74 24.91 1.72 -19.56
N MSE D 75 24.25 1.17 -18.54
CA MSE D 75 24.33 1.74 -17.18
C MSE D 75 25.79 1.77 -16.74
O MSE D 75 26.24 2.76 -16.18
CB MSE D 75 23.49 0.95 -16.18
CG MSE D 75 22.07 1.48 -16.00
SE MSE D 75 21.89 3.39 -15.37
CE MSE D 75 23.42 3.73 -14.32
N ARG D 76 26.50 0.68 -17.01
CA ARG D 76 27.91 0.59 -16.72
C ARG D 76 28.64 1.73 -17.44
N GLU D 77 28.37 1.87 -18.75
CA GLU D 77 29.14 2.84 -19.51
C GLU D 77 28.83 4.28 -19.09
N LEU D 78 27.58 4.56 -18.78
CA LEU D 78 27.21 5.88 -18.26
C LEU D 78 27.83 6.14 -16.88
N ALA D 79 27.76 5.16 -15.95
CA ALA D 79 28.29 5.42 -14.63
C ALA D 79 29.81 5.56 -14.73
N ARG D 80 30.45 4.73 -15.56
CA ARG D 80 31.90 4.85 -15.77
C ARG D 80 32.24 6.30 -16.19
N ALA D 81 31.40 6.91 -17.03
CA ALA D 81 31.68 8.22 -17.62
C ALA D 81 31.26 9.39 -16.70
N GLY D 82 30.77 9.12 -15.50
CA GLY D 82 30.28 10.16 -14.61
C GLY D 82 28.96 10.76 -15.03
N VAL D 83 28.22 10.02 -15.87
CA VAL D 83 26.85 10.43 -16.24
C VAL D 83 25.78 10.04 -15.20
N LEU D 84 25.13 11.00 -14.56
CA LEU D 84 24.05 10.63 -13.64
C LEU D 84 22.83 10.27 -14.47
N VAL D 85 22.07 9.29 -14.00
CA VAL D 85 20.93 8.74 -14.72
C VAL D 85 19.73 8.75 -13.77
N GLY D 86 18.58 9.18 -14.26
CA GLY D 86 17.32 9.12 -13.53
C GLY D 86 16.14 8.72 -14.43
N PHE D 87 15.03 8.37 -13.82
CA PHE D 87 13.82 8.04 -14.56
C PHE D 87 12.72 9.00 -14.14
N CYS D 88 12.00 9.52 -15.13
CA CYS D 88 10.99 10.57 -14.86
C CYS D 88 9.70 10.29 -15.65
N GLY D 89 8.60 10.93 -15.27
CA GLY D 89 7.37 10.86 -16.05
C GLY D 89 7.45 11.65 -17.34
N GLY D 90 6.33 11.76 -18.05
CA GLY D 90 6.32 12.50 -19.30
C GLY D 90 6.64 13.98 -19.06
N GLY D 91 7.59 14.52 -19.82
CA GLY D 91 7.93 15.91 -19.73
C GLY D 91 8.90 16.19 -18.63
N GLY D 92 9.47 15.14 -18.04
CA GLY D 92 10.50 15.32 -17.04
C GLY D 92 9.92 15.33 -15.65
N THR D 93 8.66 14.94 -15.51
CA THR D 93 8.09 14.96 -14.16
C THR D 93 6.99 13.94 -14.01
N PRO D 94 6.83 13.36 -12.81
CA PRO D 94 7.69 13.52 -11.62
C PRO D 94 9.06 12.86 -11.81
N LEU D 95 9.97 13.07 -10.87
CA LEU D 95 11.26 12.36 -10.90
C LEU D 95 11.05 11.03 -10.10
N PHE D 96 11.10 9.85 -10.77
CA PHE D 96 10.74 8.58 -10.11
C PHE D 96 11.84 8.04 -9.21
N SER D 97 13.03 7.99 -9.74
CA SER D 97 14.09 7.29 -9.14
C SER D 97 15.35 7.75 -9.85
N ALA D 98 16.46 7.84 -9.12
CA ALA D 98 17.70 8.38 -9.68
C ALA D 98 18.95 7.91 -8.99
N ASN D 99 20.08 7.99 -9.68
CA ASN D 99 21.38 7.71 -9.07
C ASN D 99 21.71 8.73 -8.01
N GLU D 100 22.24 8.27 -6.88
CA GLU D 100 22.73 9.18 -5.82
C GLU D 100 23.95 9.96 -6.37
N VAL D 101 24.00 11.28 -6.16
CA VAL D 101 25.16 12.11 -6.53
C VAL D 101 26.27 12.05 -5.44
N ASP D 102 27.53 11.80 -5.84
CA ASP D 102 28.66 11.70 -4.89
C ASP D 102 28.87 13.00 -4.09
N VAL D 103 29.08 12.92 -2.78
CA VAL D 103 29.30 14.19 -2.06
C VAL D 103 30.74 14.69 -2.16
N GLU D 118 31.29 21.76 -3.96
CA GLU D 118 30.00 21.03 -4.01
C GLU D 118 28.99 21.64 -3.02
N TYR D 119 27.72 21.47 -3.38
CA TYR D 119 26.64 22.22 -2.78
C TYR D 119 26.20 21.71 -1.43
N LEU D 120 26.48 20.44 -1.15
CA LEU D 120 25.99 19.87 0.06
C LEU D 120 26.78 20.47 1.20
N GLN D 121 28.09 20.44 1.06
CA GLN D 121 28.92 21.01 2.08
C GLN D 121 28.53 22.45 2.37
N ARG D 122 28.32 23.24 1.32
CA ARG D 122 27.96 24.62 1.56
C ARG D 122 26.59 24.76 2.17
N TRP D 123 25.68 23.89 1.71
CA TRP D 123 24.30 23.95 2.14
C TRP D 123 24.28 23.73 3.65
N VAL D 124 24.97 22.67 4.09
CA VAL D 124 25.02 22.28 5.50
C VAL D 124 25.77 23.35 6.28
N GLY D 125 26.78 23.92 5.67
CA GLY D 125 27.48 25.08 6.18
C GLY D 125 26.67 26.23 6.76
N PHE D 126 25.47 26.50 6.24
CA PHE D 126 24.66 27.62 6.71
C PHE D 126 23.37 27.18 7.29
N TRP D 127 22.94 25.98 6.91
CA TRP D 127 21.59 25.51 7.22
C TRP D 127 21.26 25.47 8.71
N PHE D 128 22.22 25.12 9.56
CA PHE D 128 21.96 25.09 11.02
C PHE D 128 21.97 26.47 11.73
N ASP D 129 22.40 27.52 11.03
CA ASP D 129 22.30 28.89 11.52
C ASP D 129 20.92 29.42 11.11
N GLU D 130 20.02 29.54 12.06
CA GLU D 130 18.68 29.95 11.70
C GLU D 130 18.68 31.29 10.96
N GLU D 131 19.61 32.18 11.30
CA GLU D 131 19.67 33.46 10.60
C GLU D 131 20.10 33.33 9.16
N LYS D 132 21.11 32.50 8.90
CA LYS D 132 21.51 32.29 7.51
C LYS D 132 20.40 31.61 6.68
N ARG D 133 19.56 30.86 7.38
CA ARG D 133 18.46 30.14 6.75
C ARG D 133 17.40 31.16 6.29
N LEU D 134 17.11 32.13 7.16
CA LEU D 134 16.27 33.27 6.81
C LEU D 134 16.86 34.10 5.66
N VAL D 135 18.16 34.35 5.69
CA VAL D 135 18.77 34.97 4.53
C VAL D 135 18.43 34.16 3.24
N ALA D 136 18.54 32.83 3.29
CA ALA D 136 18.21 31.99 2.13
C ALA D 136 16.74 32.15 1.73
N ALA D 137 15.85 32.00 2.70
CA ALA D 137 14.40 32.18 2.57
C ALA D 137 13.99 33.56 1.99
N ARG D 138 14.56 34.64 2.51
CA ARG D 138 14.31 35.95 1.91
C ARG D 138 14.68 35.98 0.44
N HIS D 139 15.84 35.45 0.07
CA HIS D 139 16.23 35.47 -1.34
C HIS D 139 15.32 34.65 -2.28
N PHE D 140 14.88 33.47 -1.80
CA PHE D 140 13.87 32.70 -2.51
C PHE D 140 12.63 33.57 -2.84
N GLN D 141 12.13 34.34 -1.85
CA GLN D 141 10.95 35.22 -2.04
C GLN D 141 11.19 36.33 -3.06
N ARG D 142 12.36 36.94 -2.96
CA ARG D 142 12.74 37.96 -3.96
C ARG D 142 12.75 37.34 -5.34
N ALA D 143 13.36 36.16 -5.42
CA ALA D 143 13.39 35.43 -6.69
C ALA D 143 11.99 35.14 -7.17
N ARG D 144 11.15 34.59 -6.31
CA ARG D 144 9.76 34.38 -6.65
C ARG D 144 8.98 35.66 -7.07
N LEU D 145 9.16 36.79 -6.36
CA LEU D 145 8.53 38.07 -6.75
C LEU D 145 8.95 38.49 -8.17
N GLU D 146 10.23 38.31 -8.49
CA GLU D 146 10.68 38.72 -9.83
C GLU D 146 10.06 37.86 -10.91
N ARG D 147 9.93 36.55 -10.67
CA ARG D 147 9.39 35.68 -11.71
C ARG D 147 7.91 36.03 -11.96
N ILE D 148 7.17 36.37 -10.90
CA ILE D 148 5.79 36.88 -11.07
C ILE D 148 5.75 38.15 -11.93
N ARG D 149 6.56 39.14 -11.54
CA ARG D 149 6.64 40.38 -12.32
C ARG D 149 6.95 40.03 -13.76
N HIS D 150 7.93 39.18 -13.97
CA HIS D 150 8.33 38.88 -15.31
C HIS D 150 7.22 38.21 -16.17
N SER D 151 6.67 37.10 -15.70
CA SER D 151 5.77 36.33 -16.53
C SER D 151 4.37 36.98 -16.64
N TRP D 152 3.88 37.64 -15.59
CA TRP D 152 2.56 38.26 -15.62
C TRP D 152 2.54 39.62 -16.41
N LEU D 153 3.64 40.37 -16.37
CA LEU D 153 3.71 41.64 -17.08
C LEU D 153 4.65 41.65 -18.28
N GLU D 154 5.93 41.72 -17.99
CA GLU D 154 6.98 41.90 -18.98
C GLU D 154 6.91 40.98 -20.18
N ASP D 155 6.72 39.71 -19.94
CA ASP D 155 6.67 38.78 -21.04
C ASP D 155 5.20 38.59 -21.41
N ARG D 156 4.94 38.57 -22.71
CA ARG D 156 3.59 38.69 -23.26
C ARG D 156 2.75 37.41 -23.40
N VAL D 157 3.41 36.27 -23.47
CA VAL D 157 2.71 35.02 -23.80
C VAL D 157 1.42 34.82 -22.99
N LEU D 158 1.50 34.86 -21.67
CA LEU D 158 0.30 34.66 -20.85
C LEU D 158 -0.80 35.65 -21.26
N ARG D 159 -0.44 36.91 -21.34
CA ARG D 159 -1.38 37.96 -21.74
C ARG D 159 -2.00 37.63 -23.09
N ASP D 160 -1.17 37.17 -24.02
CA ASP D 160 -1.66 36.88 -25.35
C ASP D 160 -2.71 35.79 -25.33
N ALA D 161 -2.53 34.82 -24.45
CA ALA D 161 -3.43 33.69 -24.38
C ALA D 161 -4.65 34.00 -23.56
N GLY D 162 -4.85 35.27 -23.23
CA GLY D 162 -6.05 35.71 -22.52
C GLY D 162 -5.94 35.93 -21.03
N PHE D 163 -4.72 36.08 -20.54
CA PHE D 163 -4.53 36.34 -19.12
C PHE D 163 -4.54 37.85 -18.86
N ALA D 164 -5.73 38.44 -18.84
CA ALA D 164 -5.86 39.89 -18.79
C ALA D 164 -5.78 40.42 -17.37
N VAL D 165 -4.58 40.38 -16.80
CA VAL D 165 -4.40 40.88 -15.46
C VAL D 165 -4.30 42.37 -15.44
N ASP D 166 -4.90 42.94 -14.43
CA ASP D 166 -4.67 44.32 -14.09
C ASP D 166 -3.20 44.59 -13.86
N ALA D 167 -2.50 44.99 -14.91
CA ALA D 167 -1.09 45.30 -14.78
C ALA D 167 -0.82 46.24 -13.60
N THR D 168 -1.63 47.28 -13.44
CA THR D 168 -1.41 48.23 -12.33
C THR D 168 -1.53 47.61 -10.92
N ALA D 169 -2.60 46.88 -10.71
CA ALA D 169 -2.82 46.22 -9.43
C ALA D 169 -1.77 45.11 -9.16
N LEU D 170 -1.30 44.47 -10.21
CA LEU D 170 -0.27 43.45 -10.05
C LEU D 170 1.05 44.05 -9.47
N ALA D 171 1.55 45.10 -10.11
CA ALA D 171 2.77 45.77 -9.66
C ALA D 171 2.60 46.32 -8.27
N VAL D 172 1.41 46.79 -7.90
CA VAL D 172 1.19 47.24 -6.52
C VAL D 172 1.38 46.08 -5.56
N ALA D 173 0.76 44.95 -5.90
CA ALA D 173 0.78 43.74 -5.11
C ALA D 173 2.21 43.26 -4.85
N VAL D 174 3.01 43.19 -5.92
CA VAL D 174 4.41 42.78 -5.86
C VAL D 174 5.23 43.72 -4.97
N GLU D 175 5.09 45.03 -5.25
CA GLU D 175 5.77 46.06 -4.48
C GLU D 175 5.33 46.09 -3.01
N ASP D 176 4.04 46.04 -2.71
CA ASP D 176 3.61 45.92 -1.30
C ASP D 176 4.22 44.68 -0.61
N SER D 177 4.07 43.53 -1.25
CA SER D 177 4.51 42.29 -0.65
C SER D 177 6.01 42.29 -0.48
N ALA D 178 6.71 42.68 -1.53
CA ALA D 178 8.15 42.79 -1.48
C ALA D 178 8.58 43.53 -0.23
N ARG D 179 7.99 44.72 -0.02
CA ARG D 179 8.25 45.52 1.18
C ARG D 179 7.83 44.79 2.45
N ALA D 180 6.62 44.26 2.44
CA ALA D 180 6.12 43.57 3.62
C ALA D 180 7.04 42.37 3.96
N LEU D 181 7.45 41.62 2.94
CA LEU D 181 8.48 40.59 3.15
C LEU D 181 9.80 41.10 3.77
N GLU D 182 10.38 42.18 3.20
CA GLU D 182 11.63 42.77 3.72
C GLU D 182 11.54 43.14 5.20
N GLN D 183 10.34 43.53 5.64
CA GLN D 183 10.10 43.92 7.02
C GLN D 183 9.80 42.78 8.02
N ALA D 184 9.34 41.62 7.57
CA ALA D 184 9.12 40.51 8.50
C ALA D 184 10.39 40.27 9.30
N PRO D 185 10.27 40.08 10.63
CA PRO D 185 11.55 39.90 11.33
C PRO D 185 12.06 38.48 11.40
N ASN D 186 11.24 37.51 11.03
CA ASN D 186 11.64 36.11 11.20
C ASN D 186 10.89 35.24 10.27
N HIS D 187 11.12 33.96 10.43
CA HIS D 187 10.58 32.98 9.51
C HIS D 187 9.08 32.92 9.52
N GLU D 188 8.53 32.94 10.72
CA GLU D 188 7.08 32.88 10.93
C GLU D 188 6.40 34.05 10.20
N HIS D 189 6.92 35.26 10.38
CA HIS D 189 6.38 36.42 9.68
C HIS D 189 6.57 36.38 8.15
N LEU D 190 7.76 35.97 7.71
CA LEU D 190 8.02 35.78 6.28
C LEU D 190 6.96 34.90 5.65
N LEU D 191 6.75 33.75 6.29
CA LEU D 191 5.73 32.80 5.84
C LEU D 191 4.29 33.41 5.76
N THR D 192 3.86 34.06 6.83
CA THR D 192 2.61 34.82 6.82
C THR D 192 2.51 35.76 5.58
N GLU D 193 3.49 36.65 5.41
CA GLU D 193 3.48 37.56 4.26
C GLU D 193 3.48 36.77 2.95
N GLU D 194 4.26 35.71 2.93
CA GLU D 194 4.38 34.89 1.74
C GLU D 194 2.98 34.32 1.36
N ALA D 195 2.22 33.92 2.37
CA ALA D 195 0.87 33.41 2.12
C ALA D 195 -0.05 34.53 1.62
N ARG D 196 -0.09 35.65 2.33
CA ARG D 196 -0.87 36.82 1.88
C ARG D 196 -0.64 37.19 0.41
N LEU D 197 0.60 37.14 -0.06
CA LEU D 197 0.81 37.46 -1.45
C LEU D 197 0.12 36.43 -2.34
N SER D 198 0.22 35.15 -2.01
CA SER D 198 -0.39 34.13 -2.86
C SER D 198 -1.90 34.29 -2.92
N LYS D 199 -2.49 34.53 -1.77
CA LYS D 199 -3.90 34.87 -1.75
C LYS D 199 -4.27 36.05 -2.67
N ARG D 200 -3.42 37.07 -2.67
CA ARG D 200 -3.68 38.26 -3.47
C ARG D 200 -3.62 37.93 -4.92
N LEU D 201 -2.67 37.08 -5.29
CA LEU D 201 -2.55 36.61 -6.67
C LEU D 201 -3.69 35.72 -7.16
N PHE D 202 -4.23 34.89 -6.27
CA PHE D 202 -5.37 34.03 -6.66
C PHE D 202 -6.50 34.93 -7.10
N LYS D 203 -6.81 35.89 -6.25
CA LYS D 203 -7.86 36.86 -6.53
C LYS D 203 -7.64 37.61 -7.84
N LEU D 204 -6.45 38.18 -8.01
CA LEU D 204 -6.17 38.83 -9.29
C LEU D 204 -6.27 37.87 -10.44
N ALA D 205 -5.78 36.63 -10.28
CA ALA D 205 -5.83 35.64 -11.40
C ALA D 205 -7.26 35.27 -11.80
N ALA D 206 -8.10 35.06 -10.77
CA ALA D 206 -9.54 34.79 -10.95
C ALA D 206 -10.18 35.93 -11.73
N GLN D 207 -10.00 37.17 -11.24
CA GLN D 207 -10.58 38.32 -11.94
C GLN D 207 -10.05 38.33 -13.33
N ALA D 208 -8.75 38.13 -13.49
CA ALA D 208 -8.15 38.21 -14.82
C ALA D 208 -8.89 37.37 -15.81
N THR D 209 -9.50 36.29 -15.32
CA THR D 209 -10.02 35.23 -16.18
C THR D 209 -11.55 35.06 -15.99
N ARG D 210 -12.15 35.97 -15.23
CA ARG D 210 -13.59 35.97 -15.05
C ARG D 210 -14.00 34.62 -14.49
N TYR D 211 -13.30 34.19 -13.44
CA TYR D 211 -13.53 32.89 -12.83
C TYR D 211 -14.68 33.03 -11.87
N GLY D 212 -14.83 34.22 -11.31
CA GLY D 212 -15.78 34.36 -10.23
C GLY D 212 -15.11 34.00 -8.91
N GLU D 213 -15.91 33.83 -7.86
CA GLU D 213 -15.43 33.52 -6.52
C GLU D 213 -14.36 32.42 -6.56
N PHE D 214 -13.23 32.69 -5.93
CA PHE D 214 -12.23 31.65 -5.75
C PHE D 214 -11.80 31.61 -4.29
N VAL D 215 -11.71 30.42 -3.71
CA VAL D 215 -11.09 30.25 -2.40
C VAL D 215 -10.07 29.11 -2.53
N ARG D 216 -8.82 29.35 -2.16
CA ARG D 216 -7.86 28.25 -2.23
C ARG D 216 -8.25 27.15 -1.26
N ALA D 217 -8.42 25.94 -1.79
CA ALA D 217 -8.77 24.81 -0.95
C ALA D 217 -7.48 24.10 -0.62
N LYS D 218 -7.25 23.76 0.65
CA LYS D 218 -6.00 23.12 1.08
C LYS D 218 -5.83 21.81 0.33
N ARG D 219 -4.58 21.41 0.11
CA ARG D 219 -4.28 20.48 -0.98
C ARG D 219 -5.21 19.25 -1.00
N GLY D 220 -5.79 19.01 -2.19
CA GLY D 220 -6.58 17.83 -2.50
C GLY D 220 -8.05 17.95 -2.21
N SER D 221 -8.40 18.95 -1.42
CA SER D 221 -9.73 19.03 -0.88
C SER D 221 -10.68 19.88 -1.73
N GLY D 222 -10.15 20.64 -2.67
CA GLY D 222 -11.03 21.39 -3.55
C GLY D 222 -11.38 20.66 -4.84
N GLY D 223 -12.64 20.77 -5.25
CA GLY D 223 -13.13 20.05 -6.41
C GLY D 223 -13.29 20.90 -7.66
N ASP D 224 -13.32 22.21 -7.49
CA ASP D 224 -13.44 23.11 -8.64
C ASP D 224 -12.17 23.12 -9.55
N PRO D 225 -12.33 23.31 -10.87
CA PRO D 225 -11.25 23.27 -11.88
C PRO D 225 -9.97 24.02 -11.46
N ALA D 226 -10.10 25.23 -10.95
CA ALA D 226 -8.92 25.99 -10.62
C ALA D 226 -8.10 25.31 -9.48
N ASN D 227 -8.77 24.98 -8.37
CA ASN D 227 -8.13 24.30 -7.25
C ASN D 227 -7.50 22.99 -7.73
N ARG D 228 -8.13 22.37 -8.72
CA ARG D 228 -7.63 21.11 -9.24
CA ARG D 228 -7.66 21.09 -9.25
C ARG D 228 -6.37 21.28 -10.05
N PHE D 229 -6.41 22.24 -10.94
CA PHE D 229 -5.34 22.51 -11.85
C PHE D 229 -4.14 23.02 -11.04
N LEU D 230 -4.43 23.80 -10.00
CA LEU D 230 -3.39 24.27 -9.09
C LEU D 230 -2.73 23.07 -8.39
N ASP D 231 -3.54 22.09 -7.93
CA ASP D 231 -2.96 20.93 -7.26
C ASP D 231 -2.10 20.09 -8.24
N HIS D 232 -2.61 19.91 -9.44
CA HIS D 232 -1.92 19.13 -10.42
C HIS D 232 -0.67 19.89 -10.89
N GLY D 233 -0.84 21.18 -11.10
CA GLY D 233 0.30 21.99 -11.47
C GLY D 233 1.41 21.97 -10.43
N ASN D 234 1.06 22.11 -9.17
CA ASN D 234 2.10 22.06 -8.17
C ASN D 234 2.82 20.70 -8.18
N TYR D 235 2.05 19.64 -8.41
CA TYR D 235 2.64 18.31 -8.52
C TYR D 235 3.67 18.18 -9.65
N LEU D 236 3.38 18.74 -10.82
CA LEU D 236 4.36 18.74 -11.92
C LEU D 236 5.61 19.56 -11.55
N ALA D 237 5.40 20.61 -10.77
CA ALA D 237 6.52 21.47 -10.42
C ALA D 237 7.44 20.80 -9.38
N TYR D 238 6.86 20.05 -8.45
CA TYR D 238 7.65 19.31 -7.46
C TYR D 238 8.60 18.34 -8.16
N GLY D 239 8.13 17.71 -9.24
CA GLY D 239 8.98 16.91 -10.08
C GLY D 239 10.18 17.65 -10.64
N LEU D 240 9.98 18.90 -11.07
CA LEU D 240 11.10 19.68 -11.59
C LEU D 240 12.01 20.13 -10.47
N ALA D 241 11.45 20.59 -9.35
CA ALA D 241 12.24 20.95 -8.16
C ALA D 241 13.10 19.78 -7.64
N ALA D 242 12.53 18.57 -7.52
CA ALA D 242 13.28 17.36 -7.16
C ALA D 242 14.45 17.10 -8.11
N THR D 243 14.25 17.35 -9.38
CA THR D 243 15.34 17.21 -10.33
C THR D 243 16.50 18.24 -10.06
N ALA D 244 16.12 19.48 -9.75
CA ALA D 244 17.09 20.50 -9.36
C ALA D 244 17.94 20.16 -8.11
N THR D 245 17.30 19.72 -7.03
CA THR D 245 18.03 19.36 -5.82
C THR D 245 18.93 18.13 -6.03
N TRP D 246 18.43 17.17 -6.82
CA TRP D 246 19.13 15.94 -7.20
C TRP D 246 20.38 16.24 -7.99
N VAL D 247 20.28 17.05 -9.06
CA VAL D 247 21.51 17.34 -9.80
C VAL D 247 22.57 18.03 -8.94
N LEU D 248 22.15 18.69 -7.88
CA LEU D 248 23.11 19.44 -7.10
C LEU D 248 23.55 18.70 -5.88
N GLY D 249 22.98 17.52 -5.66
CA GLY D 249 23.34 16.72 -4.51
C GLY D 249 22.75 17.30 -3.25
N ILE D 250 21.65 18.01 -3.36
CA ILE D 250 21.11 18.55 -2.13
C ILE D 250 19.87 17.81 -1.64
N PRO D 251 19.88 17.30 -0.41
CA PRO D 251 18.79 16.54 0.19
C PRO D 251 17.51 17.35 0.48
N HIS D 252 16.37 16.68 0.34
CA HIS D 252 15.06 17.30 0.36
C HIS D 252 14.76 17.75 1.75
N GLY D 253 15.40 17.13 2.72
CA GLY D 253 15.14 17.46 4.12
C GLY D 253 15.84 18.72 4.72
N LEU D 254 16.44 19.55 3.88
CA LEU D 254 17.08 20.77 4.31
C LEU D 254 16.42 22.01 3.72
N ALA D 255 15.18 22.25 4.13
CA ALA D 255 14.40 23.33 3.56
C ALA D 255 14.89 24.70 4.09
N VAL D 256 14.60 25.75 3.33
CA VAL D 256 14.88 27.11 3.79
C VAL D 256 13.65 27.88 4.28
N LEU D 257 12.46 27.48 3.85
CA LEU D 257 11.25 28.21 4.18
C LEU D 257 10.27 27.30 4.94
N HIS D 258 9.91 26.17 4.34
CA HIS D 258 9.15 25.12 5.06
C HIS D 258 9.82 24.65 6.37
N GLY D 259 9.00 24.15 7.28
CA GLY D 259 9.48 23.82 8.61
C GLY D 259 10.46 22.65 8.50
N LYS D 260 11.34 22.56 9.48
CA LYS D 260 12.40 21.55 9.48
C LYS D 260 11.88 20.08 9.45
N THR D 261 10.66 19.85 9.94
CA THR D 261 10.11 18.48 9.98
C THR D 261 9.26 18.15 8.75
N ARG D 262 9.06 19.10 7.87
CA ARG D 262 8.27 18.76 6.68
C ARG D 262 9.02 17.88 5.68
N ARG D 263 8.48 16.71 5.42
CA ARG D 263 9.05 15.85 4.36
C ARG D 263 9.01 16.49 2.98
N GLY D 264 10.14 16.48 2.29
CA GLY D 264 10.19 17.04 0.96
C GLY D 264 10.27 18.56 1.03
N GLY D 265 10.53 19.10 2.22
CA GLY D 265 10.52 20.55 2.44
C GLY D 265 11.23 21.43 1.42
N LEU D 266 12.48 21.13 1.10
CA LEU D 266 13.24 21.88 0.05
C LEU D 266 12.68 21.78 -1.38
N VAL D 267 12.14 20.61 -1.76
CA VAL D 267 11.44 20.48 -3.03
C VAL D 267 10.27 21.52 -3.14
N PHE D 268 9.51 21.65 -2.06
CA PHE D 268 8.44 22.62 -2.01
C PHE D 268 8.97 24.07 -2.07
N ASP D 269 10.07 24.37 -1.35
CA ASP D 269 10.68 25.72 -1.44
C ASP D 269 11.06 26.03 -2.85
N VAL D 270 11.58 25.02 -3.51
CA VAL D 270 12.11 25.21 -4.85
C VAL D 270 11.00 25.36 -5.90
N ALA D 271 9.94 24.57 -5.73
CA ALA D 271 8.74 24.67 -6.57
C ALA D 271 8.05 26.05 -6.40
N ASP D 272 8.02 26.53 -5.15
CA ASP D 272 7.53 27.86 -4.82
C ASP D 272 8.16 29.00 -5.65
N LEU D 273 9.35 28.77 -6.19
CA LEU D 273 9.98 29.78 -7.08
C LEU D 273 9.16 30.12 -8.31
N ILE D 274 8.42 29.17 -8.87
CA ILE D 274 7.75 29.36 -10.16
C ILE D 274 6.25 29.00 -10.13
N LYS D 275 5.84 28.56 -8.95
CA LYS D 275 4.45 28.31 -8.66
C LYS D 275 3.49 29.45 -9.12
N ASP D 276 3.57 30.61 -8.46
CA ASP D 276 2.69 31.76 -8.70
C ASP D 276 2.96 32.45 -10.06
N SER D 277 4.10 32.18 -10.69
CA SER D 277 4.43 32.83 -11.93
C SER D 277 4.03 32.02 -13.14
N LEU D 278 4.03 30.69 -13.01
CA LEU D 278 3.73 29.82 -14.13
C LEU D 278 2.51 28.90 -13.88
N ILE D 279 2.42 28.29 -12.70
CA ILE D 279 1.31 27.35 -12.49
C ILE D 279 0.00 28.14 -12.29
N LEU D 280 0.06 29.15 -11.46
CA LEU D 280 -1.12 29.87 -11.09
C LEU D 280 -1.84 30.41 -12.30
N PRO D 281 -1.22 31.20 -13.13
CA PRO D 281 -1.94 31.66 -14.30
C PRO D 281 -2.45 30.58 -15.27
N GLN D 282 -1.70 29.52 -15.55
CA GLN D 282 -2.22 28.46 -16.42
C GLN D 282 -3.38 27.68 -15.77
N ALA D 283 -3.44 27.64 -14.45
CA ALA D 283 -4.55 26.96 -13.86
C ALA D 283 -5.87 27.69 -14.18
N PHE D 284 -5.88 29.02 -14.03
CA PHE D 284 -7.09 29.79 -14.28
C PHE D 284 -7.36 29.88 -15.76
N LEU D 285 -6.33 29.88 -16.59
CA LEU D 285 -6.54 29.85 -18.02
C LEU D 285 -7.19 28.53 -18.51
N SER D 286 -6.62 27.40 -18.10
CA SER D 286 -7.18 26.12 -18.46
C SER D 286 -8.64 26.03 -18.01
N ALA D 287 -8.92 26.59 -16.85
CA ALA D 287 -10.26 26.55 -16.33
C ALA D 287 -11.17 27.38 -17.25
N MSE D 288 -10.67 28.55 -17.64
CA MSE D 288 -11.46 29.52 -18.41
C MSE D 288 -11.80 28.88 -19.74
O MSE D 288 -12.89 29.07 -20.30
CB MSE D 288 -10.64 30.79 -18.58
CG MSE D 288 -11.30 31.93 -19.37
SE MSE D 288 -10.00 33.38 -19.85
CE MSE D 288 -9.20 32.53 -21.46
N ARG D 289 -10.88 28.05 -20.21
CA ARG D 289 -10.92 27.48 -21.53
C ARG D 289 -11.59 26.11 -21.62
N GLY D 290 -12.04 25.58 -20.47
CA GLY D 290 -12.60 24.22 -20.40
C GLY D 290 -11.65 23.08 -20.75
N ASP D 291 -10.38 23.24 -20.40
CA ASP D 291 -9.36 22.24 -20.61
C ASP D 291 -9.68 21.01 -19.79
N GLU D 292 -9.33 19.84 -20.32
CA GLU D 292 -9.29 18.66 -19.47
C GLU D 292 -7.92 18.53 -18.80
N GLU D 293 -7.82 17.55 -17.91
CA GLU D 293 -6.59 17.31 -17.16
C GLU D 293 -5.36 17.31 -18.08
N GLN D 294 -5.39 16.54 -19.16
CA GLN D 294 -4.22 16.44 -20.02
C GLN D 294 -3.91 17.71 -20.80
N ASP D 295 -4.94 18.50 -21.13
CA ASP D 295 -4.70 19.77 -21.80
C ASP D 295 -3.92 20.66 -20.85
N PHE D 296 -4.37 20.68 -19.61
CA PHE D 296 -3.68 21.45 -18.59
C PHE D 296 -2.25 20.99 -18.36
N ARG D 297 -2.04 19.72 -18.12
CA ARG D 297 -0.70 19.18 -17.95
C ARG D 297 0.21 19.63 -19.08
N GLN D 298 -0.21 19.47 -20.31
CA GLN D 298 0.62 19.83 -21.41
C GLN D 298 0.84 21.32 -21.53
N ALA D 299 -0.16 22.11 -21.29
CA ALA D 299 0.06 23.53 -21.34
C ALA D 299 1.09 23.91 -20.30
N CYS D 300 1.02 23.27 -19.16
CA CYS D 300 1.89 23.54 -18.05
C CYS D 300 3.33 23.21 -18.33
N LEU D 301 3.58 22.09 -18.94
CA LEU D 301 4.90 21.65 -19.22
C LEU D 301 5.54 22.53 -20.24
N ASP D 302 4.73 23.05 -21.15
CA ASP D 302 5.18 23.93 -22.19
C ASP D 302 5.61 25.28 -21.63
N ASN D 303 4.84 25.80 -20.70
CA ASN D 303 5.24 26.97 -19.94
C ASN D 303 6.52 26.76 -19.17
N LEU D 304 6.64 25.65 -18.44
CA LEU D 304 7.84 25.38 -17.64
C LEU D 304 9.04 25.32 -18.57
N SER D 305 8.86 24.66 -19.70
CA SER D 305 9.92 24.56 -20.71
C SER D 305 10.40 25.91 -21.29
N ARG D 306 9.43 26.65 -21.83
CA ARG D 306 9.68 27.95 -22.49
C ARG D 306 10.30 28.97 -21.53
N ALA D 307 9.79 29.01 -20.31
CA ALA D 307 10.32 29.90 -19.33
C ALA D 307 11.59 29.38 -18.64
N GLN D 308 12.14 28.23 -19.09
CA GLN D 308 13.33 27.64 -18.44
C GLN D 308 13.28 27.57 -16.89
N ALA D 309 12.14 27.17 -16.35
CA ALA D 309 11.94 26.97 -14.94
C ALA D 309 13.00 26.10 -14.25
N LEU D 310 13.36 24.97 -14.85
CA LEU D 310 14.24 24.09 -14.16
C LEU D 310 15.58 24.82 -13.97
N ASP D 311 16.08 25.42 -15.05
CA ASP D 311 17.32 26.22 -14.98
C ASP D 311 17.31 27.26 -13.88
N PHE D 312 16.20 27.97 -13.77
CA PHE D 312 16.06 28.97 -12.71
C PHE D 312 16.11 28.38 -11.28
N MSE D 313 15.44 27.24 -11.09
CA MSE D 313 15.48 26.57 -9.80
C MSE D 313 16.92 26.23 -9.44
O MSE D 313 17.40 26.52 -8.35
CB MSE D 313 14.64 25.31 -9.82
CG MSE D 313 13.16 25.58 -9.94
SE MSE D 313 12.29 23.85 -10.37
CE MSE D 313 10.42 24.39 -10.03
N ILE D 314 17.60 25.66 -10.41
CA ILE D 314 18.98 25.29 -10.22
C ILE D 314 19.83 26.52 -9.88
N ASP D 315 19.73 27.54 -10.71
CA ASP D 315 20.55 28.73 -10.51
C ASP D 315 20.27 29.37 -9.17
N THR D 316 19.02 29.44 -8.78
CA THR D 316 18.67 29.98 -7.49
C THR D 316 19.36 29.18 -6.38
N LEU D 317 19.33 27.86 -6.53
CA LEU D 317 19.98 27.04 -5.52
C LEU D 317 21.48 27.32 -5.48
N LYS D 318 22.16 27.30 -6.61
CA LYS D 318 23.58 27.59 -6.61
C LYS D 318 23.87 28.95 -5.98
N ASP D 319 23.10 29.96 -6.36
CA ASP D 319 23.39 31.35 -5.98
C ASP D 319 23.29 31.41 -4.46
N VAL D 320 22.23 30.81 -3.92
CA VAL D 320 22.07 30.82 -2.46
C VAL D 320 23.25 30.14 -1.74
N ALA D 321 23.70 29.02 -2.31
CA ALA D 321 24.76 28.26 -1.66
C ALA D 321 26.01 29.13 -1.71
N GLN D 322 26.20 29.79 -2.85
CA GLN D 322 27.45 30.47 -3.15
C GLN D 322 27.63 31.59 -2.18
N ARG D 323 26.56 32.35 -1.98
CA ARG D 323 26.61 33.44 -1.03
C ARG D 323 26.80 33.06 0.45
N SER D 324 26.08 32.02 0.90
CA SER D 324 26.09 31.58 2.29
C SER D 324 27.47 31.58 2.99
N THR D 325 28.51 31.06 2.33
CA THR D 325 29.93 31.27 2.71
C THR D 325 30.94 30.79 1.64
MN MN E . -27.85 1.29 21.48
NA NA F . -34.43 14.41 9.47
CA CA G . -4.65 -0.46 20.78
MN MN H . 34.36 -3.43 5.66
CA CA I . 13.42 -2.72 15.85
NA NA J . 34.52 -14.33 -9.42
MN MN K . -4.43 -26.38 -0.97
MN MN L . 4.24 26.55 0.98
#